data_7E40
#
_entry.id   7E40
#
_cell.length_a   65.244
_cell.length_b   107.492
_cell.length_c   174.521
_cell.angle_alpha   90.000
_cell.angle_beta   90.000
_cell.angle_gamma   90.000
#
_symmetry.space_group_name_H-M   'P 21 21 21'
#
loop_
_entity.id
_entity.type
_entity.pdbx_description
1 polymer 'Protein PHOSPHATE STARVATION RESPONSE 2'
2 polymer 'SPX domain-containing protein 1,Endolysin'
3 non-polymer 'INOSITOL HEXAKISPHOSPHATE'
4 water water
#
loop_
_entity_poly.entity_id
_entity_poly.type
_entity_poly.pdbx_seq_one_letter_code
_entity_poly.pdbx_strand_id
1 'polypeptide(L)'
;SRMRWTPELHERFVDAMNLLGGSEKATPKGVMKLMKADNLTIYHVKSHMQKYRTARYRPELSEGSSEKKAASKEDIPSID
LKGGNFDLTEALRMQLELQKRLHEQLEIQRSLQLRIEEQGKCLQMMLEQQCIPG
;
A,C
2 'polypeptide(L)'
;SMKFGKSLSSQIVETLPEWRDKFLSYKDLKKRLKLIGGGGGGEERQAKRARVAADGGEEEAAAAAMTPEEAGFMRLLEAE
LDKFNSFFVEKEEEYIIRQKELQDRVARAAGRESKEELMRVRKEIVDFHGEMVLLENYSALNYTGLVKILKKYDKRTGAL
IRLPFIQKVLQQPFFTTDLLYKLVKQCEAMLDQLLPSNEIFEMLRIDEGLRLKIYKDTEGYYTIGIGHLLTKSPSLNAAK
SELDKAIGRNTNGVITKDEAEKLFNQDVDAAVRGILRNAKLKPVYDSLDAVRRAALINMVFQMGETGVAGFTNSLRMLQQ
KRWDEAAVNLAKSRWYNQTPNRAKRVITTFRTGTWDAY
;
B,D
#
loop_
_chem_comp.id
_chem_comp.type
_chem_comp.name
_chem_comp.formula
IHP non-polymer 'INOSITOL HEXAKISPHOSPHATE' 'C6 H18 O24 P6'
#
# COMPACT_ATOMS: atom_id res chain seq x y z
N ARG A 2 19.38 -20.88 22.64
CA ARG A 2 18.37 -21.02 21.56
C ARG A 2 19.00 -21.73 20.36
N MET A 3 18.12 -22.26 19.51
CA MET A 3 18.43 -23.08 18.34
C MET A 3 18.01 -22.39 17.02
N ARG A 4 19.00 -22.17 16.12
CA ARG A 4 18.72 -21.65 14.79
C ARG A 4 18.19 -22.83 13.97
N TRP A 5 16.86 -22.86 13.82
CA TRP A 5 16.13 -23.85 13.03
C TRP A 5 16.23 -23.41 11.57
N THR A 6 16.15 -24.37 10.67
CA THR A 6 16.20 -24.13 9.23
C THR A 6 14.95 -24.84 8.67
N PRO A 7 14.42 -24.48 7.48
CA PRO A 7 13.27 -25.21 6.94
C PRO A 7 13.55 -26.71 6.77
N GLU A 8 14.80 -27.04 6.38
CA GLU A 8 15.30 -28.42 6.21
C GLU A 8 15.28 -29.19 7.52
N LEU A 9 15.69 -28.55 8.62
CA LEU A 9 15.74 -29.14 9.95
C LEU A 9 14.34 -29.40 10.50
N HIS A 10 13.38 -28.47 10.23
CA HIS A 10 11.98 -28.59 10.66
C HIS A 10 11.28 -29.73 9.92
N GLU A 11 11.60 -29.91 8.63
CA GLU A 11 11.11 -30.96 7.74
C GLU A 11 11.49 -32.33 8.34
N ARG A 12 12.73 -32.45 8.82
CA ARG A 12 13.28 -33.64 9.47
C ARG A 12 12.56 -33.95 10.79
N PHE A 13 12.20 -32.89 11.56
CA PHE A 13 11.45 -32.93 12.83
C PHE A 13 10.02 -33.46 12.57
N VAL A 14 9.35 -32.98 11.52
CA VAL A 14 8.01 -33.43 11.17
C VAL A 14 8.04 -34.90 10.85
N ASP A 15 9.00 -35.36 10.00
CA ASP A 15 9.15 -36.75 9.62
C ASP A 15 9.33 -37.62 10.85
N ALA A 16 10.27 -37.22 11.74
CA ALA A 16 10.58 -37.89 13.01
C ALA A 16 9.33 -38.05 13.87
N MET A 17 8.59 -36.96 14.01
CA MET A 17 7.40 -37.00 14.82
C MET A 17 6.25 -37.79 14.19
N ASN A 18 6.08 -37.69 12.87
CA ASN A 18 5.07 -38.47 12.16
C ASN A 18 5.38 -39.96 12.29
N LEU A 19 6.66 -40.31 12.16
CA LEU A 19 7.16 -41.67 12.30
C LEU A 19 6.91 -42.20 13.72
N LEU A 20 6.80 -41.27 14.70
CA LEU A 20 6.50 -41.60 16.10
C LEU A 20 5.01 -41.47 16.44
N GLY A 21 4.15 -41.47 15.42
CA GLY A 21 2.70 -41.42 15.56
C GLY A 21 2.02 -40.06 15.65
N GLY A 22 2.70 -38.99 15.23
CA GLY A 22 2.16 -37.63 15.26
C GLY A 22 2.43 -36.84 16.52
N SER A 23 2.11 -35.54 16.50
CA SER A 23 2.36 -34.58 17.61
C SER A 23 1.72 -34.95 18.96
N GLU A 24 0.60 -35.71 18.92
CA GLU A 24 -0.14 -36.15 20.10
C GLU A 24 0.33 -37.51 20.67
N LYS A 25 1.32 -38.17 20.02
CA LYS A 25 1.87 -39.47 20.45
C LYS A 25 3.40 -39.43 20.62
N ALA A 26 4.09 -38.57 19.82
CA ALA A 26 5.55 -38.42 19.84
C ALA A 26 6.05 -37.73 21.11
N THR A 27 7.19 -38.21 21.62
CA THR A 27 7.85 -37.66 22.80
C THR A 27 9.12 -36.91 22.38
N PRO A 28 9.51 -35.82 23.09
CA PRO A 28 10.74 -35.08 22.71
C PRO A 28 12.01 -35.94 22.67
N LYS A 29 12.09 -36.96 23.57
CA LYS A 29 13.19 -37.93 23.68
C LYS A 29 13.33 -38.75 22.39
N GLY A 30 12.20 -39.19 21.83
CA GLY A 30 12.17 -39.98 20.60
C GLY A 30 12.55 -39.20 19.37
N VAL A 31 12.03 -37.97 19.26
CA VAL A 31 12.31 -37.04 18.16
C VAL A 31 13.81 -36.73 18.15
N MET A 32 14.37 -36.45 19.35
CA MET A 32 15.79 -36.20 19.57
C MET A 32 16.67 -37.34 19.01
N LYS A 33 16.28 -38.60 19.29
CA LYS A 33 16.97 -39.81 18.88
C LYS A 33 16.92 -40.04 17.37
N LEU A 34 15.73 -39.89 16.77
CA LEU A 34 15.55 -40.07 15.34
C LEU A 34 16.30 -39.03 14.52
N MET A 35 16.26 -37.75 14.95
CA MET A 35 16.88 -36.61 14.27
C MET A 35 18.40 -36.65 14.26
N LYS A 36 19.04 -36.97 15.41
CA LYS A 36 20.50 -37.03 15.56
C LYS A 36 21.14 -35.77 14.94
N ALA A 37 20.68 -34.60 15.43
CA ALA A 37 21.11 -33.29 14.94
C ALA A 37 22.13 -32.64 15.85
N ASP A 38 23.16 -32.01 15.25
CA ASP A 38 24.23 -31.32 15.97
C ASP A 38 23.68 -30.16 16.78
N ASN A 39 24.03 -30.12 18.08
CA ASN A 39 23.70 -29.12 19.09
C ASN A 39 22.20 -29.03 19.46
N LEU A 40 21.37 -29.92 18.92
CA LEU A 40 19.95 -29.96 19.27
C LEU A 40 19.79 -30.64 20.65
N THR A 41 19.07 -29.99 21.58
CA THR A 41 18.82 -30.51 22.93
C THR A 41 17.33 -30.85 23.14
N ILE A 42 17.00 -31.56 24.25
CA ILE A 42 15.63 -31.94 24.64
C ILE A 42 14.78 -30.68 24.81
N TYR A 43 15.40 -29.61 25.36
CA TYR A 43 14.82 -28.28 25.61
C TYR A 43 14.36 -27.65 24.29
N HIS A 44 15.20 -27.74 23.24
CA HIS A 44 14.90 -27.22 21.89
C HIS A 44 13.70 -27.94 21.26
N VAL A 45 13.68 -29.28 21.38
CA VAL A 45 12.64 -30.17 20.84
C VAL A 45 11.28 -29.90 21.52
N LYS A 46 11.29 -29.68 22.86
CA LYS A 46 10.12 -29.38 23.69
C LYS A 46 9.51 -28.04 23.29
N SER A 47 10.39 -27.03 23.14
CA SER A 47 10.05 -25.68 22.74
C SER A 47 9.51 -25.68 21.31
N HIS A 48 10.14 -26.49 20.42
CA HIS A 48 9.74 -26.60 19.02
C HIS A 48 8.41 -27.32 18.87
N MET A 49 8.19 -28.41 19.65
CA MET A 49 6.93 -29.16 19.57
C MET A 49 5.74 -28.37 20.05
N GLN A 50 5.91 -27.54 21.10
CA GLN A 50 4.83 -26.70 21.62
C GLN A 50 4.39 -25.65 20.60
N LYS A 51 5.36 -25.05 19.88
CA LYS A 51 5.10 -24.09 18.80
C LYS A 51 4.44 -24.81 17.63
N TYR A 52 4.83 -26.08 17.38
CA TYR A 52 4.27 -26.91 16.30
C TYR A 52 2.81 -27.25 16.61
N ARG A 53 2.54 -27.69 17.86
CA ARG A 53 1.21 -28.03 18.34
C ARG A 53 0.28 -26.80 18.33
N THR A 54 0.83 -25.59 18.59
CA THR A 54 0.11 -24.32 18.59
C THR A 54 -0.29 -23.92 17.17
N ALA A 55 0.66 -24.03 16.22
CA ALA A 55 0.44 -23.69 14.81
C ALA A 55 -0.46 -24.71 14.08
N ARG A 56 -0.73 -25.87 14.72
CA ARG A 56 -1.57 -26.95 14.19
C ARG A 56 -2.91 -27.10 14.95
N TYR A 57 -3.32 -26.04 15.68
CA TYR A 57 -4.56 -26.03 16.46
C TYR A 57 -5.79 -26.18 15.55
N ARG A 58 -6.48 -27.34 15.66
CA ARG A 58 -7.66 -27.73 14.87
C ARG A 58 -8.79 -26.66 14.85
N PRO A 59 -9.40 -26.17 15.97
CA PRO A 59 -10.44 -25.14 15.83
C PRO A 59 -9.88 -23.72 15.75
N GLY A 83 -20.15 -3.35 0.43
CA GLY A 83 -18.95 -4.11 0.69
C GLY A 83 -18.75 -5.26 -0.28
N GLY A 84 -18.29 -6.41 0.23
CA GLY A 84 -18.07 -7.61 -0.56
C GLY A 84 -16.69 -8.21 -0.42
N ASN A 85 -16.58 -9.53 -0.70
CA ASN A 85 -15.31 -10.28 -0.65
C ASN A 85 -14.32 -9.83 -1.72
N PHE A 86 -14.82 -9.25 -2.82
CA PHE A 86 -14.03 -8.68 -3.91
C PHE A 86 -13.27 -7.44 -3.41
N ASP A 87 -13.91 -6.66 -2.51
CA ASP A 87 -13.33 -5.46 -1.89
C ASP A 87 -12.28 -5.86 -0.86
N LEU A 88 -12.47 -7.03 -0.19
CA LEU A 88 -11.54 -7.58 0.80
C LEU A 88 -10.27 -8.08 0.10
N THR A 89 -10.44 -8.69 -1.10
CA THR A 89 -9.39 -9.21 -1.97
C THR A 89 -8.55 -8.04 -2.51
N GLU A 90 -9.21 -6.96 -2.92
CA GLU A 90 -8.60 -5.74 -3.43
C GLU A 90 -7.78 -5.04 -2.33
N ALA A 91 -8.23 -5.20 -1.08
CA ALA A 91 -7.56 -4.65 0.10
C ALA A 91 -6.29 -5.48 0.44
N LEU A 92 -6.34 -6.82 0.19
CA LEU A 92 -5.24 -7.76 0.38
C LEU A 92 -4.15 -7.50 -0.64
N ARG A 93 -4.56 -7.22 -1.88
CA ARG A 93 -3.66 -6.90 -2.99
C ARG A 93 -2.82 -5.65 -2.66
N MET A 94 -3.45 -4.63 -2.02
CA MET A 94 -2.78 -3.41 -1.60
C MET A 94 -1.93 -3.67 -0.37
N GLN A 95 -2.45 -4.49 0.57
CA GLN A 95 -1.74 -4.86 1.79
C GLN A 95 -0.43 -5.52 1.37
N LEU A 96 -0.52 -6.49 0.43
CA LEU A 96 0.63 -7.22 -0.08
C LEU A 96 1.60 -6.30 -0.81
N GLU A 97 1.08 -5.43 -1.70
CA GLU A 97 1.87 -4.45 -2.46
C GLU A 97 2.72 -3.59 -1.51
N LEU A 98 2.09 -3.02 -0.46
CA LEU A 98 2.73 -2.15 0.53
C LEU A 98 3.76 -2.88 1.38
N GLN A 99 3.51 -4.17 1.72
CA GLN A 99 4.45 -5.00 2.47
C GLN A 99 5.66 -5.31 1.60
N LYS A 100 5.45 -5.62 0.31
CA LYS A 100 6.52 -5.89 -0.66
C LYS A 100 7.42 -4.65 -0.88
N ARG A 101 6.84 -3.45 -0.93
CA ARG A 101 7.57 -2.19 -1.12
C ARG A 101 8.42 -1.86 0.09
N LEU A 102 7.88 -2.11 1.31
CA LEU A 102 8.62 -1.89 2.56
C LEU A 102 9.80 -2.86 2.61
N HIS A 103 9.56 -4.15 2.29
CA HIS A 103 10.57 -5.22 2.22
C HIS A 103 11.73 -4.83 1.31
N GLU A 104 11.43 -4.32 0.09
CA GLU A 104 12.42 -3.86 -0.88
C GLU A 104 13.31 -2.78 -0.30
N GLN A 105 12.70 -1.76 0.34
CA GLN A 105 13.41 -0.65 0.97
C GLN A 105 14.25 -1.08 2.15
N LEU A 106 13.80 -2.11 2.89
CA LEU A 106 14.55 -2.63 4.04
C LEU A 106 15.83 -3.32 3.60
N GLU A 107 15.79 -3.95 2.42
CA GLU A 107 16.93 -4.61 1.79
C GLU A 107 17.93 -3.53 1.38
N ILE A 108 17.41 -2.42 0.80
CA ILE A 108 18.17 -1.25 0.38
C ILE A 108 18.84 -0.59 1.60
N GLN A 109 18.06 -0.40 2.69
CA GLN A 109 18.49 0.18 3.96
C GLN A 109 19.67 -0.57 4.56
N ARG A 110 19.64 -1.90 4.49
CA ARG A 110 20.70 -2.74 5.01
C ARG A 110 22.04 -2.40 4.35
N SER A 111 22.02 -2.21 3.01
CA SER A 111 23.19 -1.81 2.22
C SER A 111 23.65 -0.40 2.59
N LEU A 112 22.69 0.52 2.85
CA LEU A 112 22.96 1.90 3.26
C LEU A 112 23.68 1.94 4.59
N GLN A 113 23.20 1.12 5.56
CA GLN A 113 23.78 1.03 6.90
C GLN A 113 25.22 0.49 6.86
N LEU A 114 25.49 -0.45 5.93
CA LEU A 114 26.80 -1.06 5.73
C LEU A 114 27.79 -0.05 5.14
N ARG A 115 27.33 0.77 4.15
CA ARG A 115 28.19 1.79 3.50
C ARG A 115 28.59 2.85 4.50
N ILE A 116 27.64 3.29 5.34
CA ILE A 116 27.85 4.28 6.39
C ILE A 116 29.01 3.87 7.29
N GLU A 117 28.99 2.60 7.75
CA GLU A 117 30.03 2.03 8.60
C GLU A 117 31.38 1.87 7.90
N GLU A 118 31.36 1.57 6.59
CA GLU A 118 32.56 1.41 5.77
C GLU A 118 33.26 2.77 5.57
N GLN A 119 32.49 3.86 5.30
CA GLN A 119 33.00 5.23 5.15
C GLN A 119 33.48 5.77 6.50
N GLY A 120 32.73 5.45 7.56
CA GLY A 120 33.03 5.84 8.93
C GLY A 120 34.35 5.27 9.40
N LYS A 121 34.67 4.04 8.95
CA LYS A 121 35.92 3.33 9.25
C LYS A 121 37.05 4.03 8.52
N CYS A 122 36.85 4.38 7.21
CA CYS A 122 37.83 5.07 6.38
C CYS A 122 38.14 6.45 6.92
N LEU A 123 37.09 7.19 7.33
CA LEU A 123 37.20 8.53 7.93
C LEU A 123 38.03 8.49 9.23
N GLN A 124 37.99 7.36 9.96
CA GLN A 124 38.75 7.16 11.18
C GLN A 124 40.21 6.80 10.86
N MET A 125 40.44 5.97 9.81
CA MET A 125 41.79 5.56 9.38
C MET A 125 42.55 6.74 8.77
N MET A 126 41.81 7.67 8.14
CA MET A 126 42.34 8.87 7.52
C MET A 126 42.72 9.96 8.54
N LEU A 127 41.89 10.19 9.59
CA LEU A 127 42.15 11.22 10.60
C LEU A 127 43.29 10.85 11.57
N GLU A 128 43.49 9.54 11.87
CA GLU A 128 44.60 9.08 12.74
C GLU A 128 45.95 9.30 12.05
N GLN A 129 45.97 9.14 10.72
CA GLN A 129 47.13 9.36 9.86
C GLN A 129 47.16 10.84 9.42
N GLN A 130 46.05 11.58 9.70
CA GLN A 130 45.81 13.01 9.38
C GLN A 130 45.75 13.27 7.89
N SER B 1 14.97 15.78 8.00
CA SER B 1 14.66 15.17 9.29
C SER B 1 14.55 13.64 9.18
N MET B 2 14.78 12.93 10.32
CA MET B 2 14.70 11.47 10.42
C MET B 2 13.48 11.00 11.26
N LYS B 3 13.14 11.75 12.35
CA LYS B 3 12.03 11.56 13.30
C LYS B 3 11.98 10.14 13.91
N PHE B 4 13.19 9.57 14.18
CA PHE B 4 13.44 8.22 14.70
C PHE B 4 12.60 7.80 15.91
N GLY B 5 12.73 8.53 17.02
CA GLY B 5 11.98 8.28 18.24
C GLY B 5 10.48 8.11 18.02
N LYS B 6 9.87 9.06 17.27
CA LYS B 6 8.45 9.08 16.89
C LYS B 6 8.05 7.85 16.03
N SER B 7 8.87 7.50 15.02
CA SER B 7 8.62 6.35 14.13
C SER B 7 8.79 5.01 14.84
N LEU B 8 9.76 4.90 15.76
CA LEU B 8 9.99 3.68 16.55
C LEU B 8 8.76 3.38 17.42
N SER B 9 8.24 4.41 18.11
CA SER B 9 7.06 4.36 18.98
C SER B 9 5.78 4.00 18.21
N SER B 10 5.57 4.65 17.05
CA SER B 10 4.44 4.44 16.15
C SER B 10 4.38 2.98 15.71
N GLN B 11 5.56 2.38 15.47
CA GLN B 11 5.67 0.97 15.09
C GLN B 11 5.36 0.05 16.28
N ILE B 12 5.93 0.33 17.48
CA ILE B 12 5.75 -0.47 18.70
C ILE B 12 4.28 -0.56 19.03
N VAL B 13 3.59 0.59 18.99
CA VAL B 13 2.17 0.66 19.26
C VAL B 13 1.38 -0.26 18.29
N GLU B 14 1.82 -0.38 17.03
CA GLU B 14 1.16 -1.24 16.04
C GLU B 14 1.51 -2.73 16.14
N THR B 15 2.07 -3.18 17.28
CA THR B 15 2.42 -4.59 17.45
C THR B 15 1.59 -5.24 18.54
N LEU B 16 1.52 -6.58 18.51
CA LEU B 16 0.78 -7.37 19.50
C LEU B 16 1.52 -7.36 20.84
N PRO B 17 0.84 -7.61 21.99
CA PRO B 17 1.52 -7.53 23.29
C PRO B 17 2.75 -8.44 23.48
N GLU B 18 2.95 -9.52 22.69
CA GLU B 18 4.14 -10.37 22.80
C GLU B 18 5.41 -9.60 22.40
N TRP B 19 5.24 -8.59 21.52
CA TRP B 19 6.29 -7.69 21.03
C TRP B 19 6.56 -6.57 22.06
N ARG B 20 5.86 -6.62 23.21
CA ARG B 20 5.96 -5.70 24.33
C ARG B 20 7.38 -5.75 24.91
N ASP B 21 8.06 -4.59 24.83
CA ASP B 21 9.40 -4.38 25.35
C ASP B 21 10.46 -5.26 24.65
N LYS B 22 10.20 -5.64 23.37
CA LYS B 22 11.11 -6.43 22.51
C LYS B 22 12.02 -5.52 21.68
N PHE B 23 11.52 -4.31 21.34
CA PHE B 23 12.27 -3.32 20.58
C PHE B 23 13.30 -2.63 21.48
N LEU B 24 14.18 -1.83 20.86
CA LEU B 24 15.20 -1.04 21.54
C LEU B 24 14.56 -0.09 22.58
N SER B 25 15.18 -0.01 23.78
CA SER B 25 14.72 0.85 24.88
C SER B 25 15.33 2.26 24.66
N TYR B 26 15.03 2.84 23.49
CA TYR B 26 15.60 4.09 23.02
C TYR B 26 15.43 5.24 24.02
N LYS B 27 14.19 5.54 24.49
CA LYS B 27 13.90 6.58 25.48
C LYS B 27 14.77 6.39 26.75
N ASP B 28 14.80 5.17 27.28
CA ASP B 28 15.56 4.78 28.47
C ASP B 28 17.06 4.99 28.30
N LEU B 29 17.62 4.48 27.18
CA LEU B 29 19.04 4.56 26.87
C LEU B 29 19.54 5.99 26.77
N LYS B 30 18.72 6.88 26.16
CA LYS B 30 18.98 8.32 26.05
C LYS B 30 19.04 8.99 27.44
N LYS B 31 18.21 8.52 28.41
CA LYS B 31 18.20 9.03 29.79
C LYS B 31 19.44 8.54 30.55
N ARG B 32 19.84 7.27 30.35
CA ARG B 32 21.01 6.65 31.01
C ARG B 32 22.32 7.27 30.51
N LEU B 33 22.33 7.80 29.26
CA LEU B 33 23.50 8.49 28.68
C LEU B 33 23.88 9.71 29.50
N LYS B 34 22.86 10.44 30.01
CA LYS B 34 22.99 11.63 30.88
C LYS B 34 23.81 11.34 32.16
N LEU B 35 23.88 10.07 32.57
CA LEU B 35 24.61 9.60 33.77
C LEU B 35 26.08 9.33 33.45
N ILE B 36 26.49 9.42 32.18
CA ILE B 36 27.86 9.14 31.72
C ILE B 36 28.62 10.45 31.42
N GLY B 37 29.53 10.81 32.32
CA GLY B 37 30.34 12.02 32.20
C GLY B 37 31.38 11.95 31.10
N ALA B 64 40.32 -2.25 33.61
CA ALA B 64 39.73 -2.22 32.26
C ALA B 64 39.74 -0.83 31.61
N ALA B 65 40.22 0.22 32.35
CA ALA B 65 40.30 1.64 31.97
C ALA B 65 38.92 2.28 31.64
N MET B 66 37.84 1.54 31.96
CA MET B 66 36.43 1.87 31.76
C MET B 66 35.80 2.17 33.12
N THR B 67 35.14 3.35 33.26
CA THR B 67 34.47 3.77 34.50
C THR B 67 33.27 2.84 34.81
N PRO B 68 32.81 2.67 36.08
CA PRO B 68 31.65 1.80 36.34
C PRO B 68 30.43 2.22 35.52
N GLU B 69 30.24 3.54 35.35
CA GLU B 69 29.17 4.16 34.55
C GLU B 69 29.17 3.63 33.11
N GLU B 70 30.37 3.60 32.48
CA GLU B 70 30.59 3.17 31.09
C GLU B 70 30.37 1.68 30.89
N ALA B 71 30.78 0.86 31.88
CA ALA B 71 30.63 -0.60 31.89
C ALA B 71 29.16 -0.99 32.10
N GLY B 72 28.44 -0.22 32.92
CA GLY B 72 27.02 -0.40 33.22
C GLY B 72 26.17 -0.08 32.01
N PHE B 73 26.56 1.01 31.27
CA PHE B 73 25.89 1.41 30.04
C PHE B 73 26.13 0.37 28.94
N MET B 74 27.36 -0.15 28.84
CA MET B 74 27.74 -1.18 27.88
C MET B 74 27.02 -2.50 28.18
N ARG B 75 26.72 -2.76 29.47
CA ARG B 75 25.94 -3.92 29.91
C ARG B 75 24.51 -3.80 29.37
N LEU B 76 23.89 -2.59 29.46
CA LEU B 76 22.55 -2.33 28.92
C LEU B 76 22.47 -2.61 27.42
N LEU B 77 23.54 -2.25 26.68
CA LEU B 77 23.63 -2.45 25.23
C LEU B 77 23.77 -3.91 24.84
N GLU B 78 24.52 -4.70 25.63
CA GLU B 78 24.68 -6.14 25.42
C GLU B 78 23.36 -6.86 25.71
N ALA B 79 22.64 -6.44 26.79
CA ALA B 79 21.34 -6.99 27.18
C ALA B 79 20.28 -6.76 26.09
N GLU B 80 20.37 -5.60 25.42
CA GLU B 80 19.51 -5.14 24.31
C GLU B 80 19.69 -6.09 23.11
N LEU B 81 20.95 -6.29 22.69
CA LEU B 81 21.39 -7.20 21.66
C LEU B 81 20.92 -8.65 21.94
N ASP B 82 21.04 -9.12 23.21
CA ASP B 82 20.62 -10.47 23.62
C ASP B 82 19.12 -10.64 23.38
N LYS B 83 18.34 -9.66 23.85
CA LYS B 83 16.89 -9.60 23.69
C LYS B 83 16.50 -9.53 22.18
N PHE B 84 17.28 -8.82 21.33
CA PHE B 84 17.00 -8.75 19.88
C PHE B 84 17.21 -10.09 19.21
N ASN B 85 18.39 -10.69 19.44
CA ASN B 85 18.79 -12.00 18.87
C ASN B 85 17.94 -13.14 19.36
N SER B 86 17.63 -13.19 20.66
CA SER B 86 16.78 -14.22 21.24
C SER B 86 15.35 -14.12 20.68
N PHE B 87 14.84 -12.90 20.46
CA PHE B 87 13.49 -12.71 19.94
C PHE B 87 13.42 -13.02 18.46
N PHE B 88 14.37 -12.51 17.66
CA PHE B 88 14.44 -12.75 16.22
C PHE B 88 14.43 -14.25 15.87
N VAL B 89 15.39 -15.04 16.42
CA VAL B 89 15.53 -16.48 16.11
C VAL B 89 14.31 -17.28 16.56
N GLU B 90 13.63 -16.85 17.64
CA GLU B 90 12.41 -17.49 18.12
C GLU B 90 11.28 -17.26 17.12
N LYS B 91 11.21 -16.04 16.54
CA LYS B 91 10.23 -15.64 15.53
C LYS B 91 10.48 -16.36 14.20
N GLU B 92 11.77 -16.47 13.79
CA GLU B 92 12.21 -17.23 12.60
C GLU B 92 11.68 -18.66 12.68
N GLU B 93 11.84 -19.30 13.86
CA GLU B 93 11.39 -20.65 14.19
C GLU B 93 9.88 -20.77 14.00
N GLU B 94 9.10 -19.80 14.51
CA GLU B 94 7.64 -19.78 14.36
C GLU B 94 7.29 -19.73 12.88
N TYR B 95 7.97 -18.84 12.15
CA TYR B 95 7.76 -18.61 10.73
C TYR B 95 8.08 -19.80 9.89
N ILE B 96 9.13 -20.58 10.26
CA ILE B 96 9.51 -21.83 9.57
C ILE B 96 8.36 -22.85 9.70
N ILE B 97 7.78 -22.98 10.92
CA ILE B 97 6.64 -23.87 11.24
C ILE B 97 5.41 -23.40 10.45
N ARG B 98 5.13 -22.08 10.46
CA ARG B 98 3.98 -21.47 9.79
C ARG B 98 4.03 -21.62 8.29
N GLN B 99 5.21 -21.38 7.68
CA GLN B 99 5.48 -21.51 6.25
C GLN B 99 5.12 -22.92 5.75
N LYS B 100 5.69 -23.98 6.39
CA LYS B 100 5.46 -25.39 6.06
C LYS B 100 3.97 -25.76 6.15
N GLU B 101 3.30 -25.25 7.21
CA GLU B 101 1.88 -25.51 7.46
C GLU B 101 0.98 -24.87 6.40
N LEU B 102 1.30 -23.62 6.00
CA LEU B 102 0.58 -22.91 4.95
C LEU B 102 0.80 -23.60 3.61
N GLN B 103 2.08 -23.93 3.27
CA GLN B 103 2.46 -24.63 2.04
C GLN B 103 1.72 -25.98 1.89
N ASP B 104 1.52 -26.71 2.99
CA ASP B 104 0.80 -27.99 3.01
C ASP B 104 -0.71 -27.77 2.76
N ARG B 105 -1.33 -26.77 3.44
CA ARG B 105 -2.75 -26.39 3.30
C ARG B 105 -3.07 -26.02 1.85
N VAL B 106 -2.18 -25.24 1.21
CA VAL B 106 -2.25 -24.82 -0.18
C VAL B 106 -2.09 -26.06 -1.11
N ALA B 107 -1.05 -26.90 -0.87
CA ALA B 107 -0.77 -28.12 -1.66
C ALA B 107 -1.88 -29.19 -1.59
N ARG B 108 -2.47 -29.39 -0.38
CA ARG B 108 -3.56 -30.36 -0.14
C ARG B 108 -4.80 -29.97 -0.93
N ALA B 109 -5.20 -28.70 -0.85
CA ALA B 109 -6.39 -28.17 -1.53
C ALA B 109 -6.30 -28.22 -3.07
N ALA B 110 -5.10 -27.92 -3.64
CA ALA B 110 -4.78 -27.93 -5.08
C ALA B 110 -5.82 -27.21 -5.98
N GLY B 111 -6.04 -25.92 -5.69
CA GLY B 111 -6.95 -25.04 -6.43
C GLY B 111 -8.43 -25.33 -6.31
N ARG B 112 -8.81 -26.32 -5.45
CA ARG B 112 -10.20 -26.75 -5.23
C ARG B 112 -10.88 -26.07 -4.02
N GLU B 113 -10.29 -24.97 -3.49
CA GLU B 113 -10.83 -24.21 -2.36
C GLU B 113 -12.13 -23.53 -2.76
N SER B 114 -13.07 -23.41 -1.80
CA SER B 114 -14.33 -22.69 -1.98
C SER B 114 -14.03 -21.18 -1.91
N LYS B 115 -15.01 -20.31 -2.25
CA LYS B 115 -14.87 -18.85 -2.18
C LYS B 115 -14.54 -18.41 -0.73
N GLU B 116 -15.11 -19.11 0.26
CA GLU B 116 -14.94 -18.90 1.69
C GLU B 116 -13.50 -19.32 2.12
N GLU B 117 -13.09 -20.57 1.75
CA GLU B 117 -11.79 -21.17 2.05
C GLU B 117 -10.61 -20.45 1.38
N LEU B 118 -10.77 -20.04 0.11
CA LEU B 118 -9.74 -19.32 -0.66
C LEU B 118 -9.46 -17.95 -0.06
N MET B 119 -10.51 -17.25 0.42
CA MET B 119 -10.42 -15.93 1.06
C MET B 119 -9.63 -16.04 2.37
N ARG B 120 -9.90 -17.10 3.14
CA ARG B 120 -9.30 -17.42 4.42
C ARG B 120 -7.79 -17.64 4.31
N VAL B 121 -7.35 -18.56 3.42
CA VAL B 121 -5.94 -18.93 3.21
C VAL B 121 -5.10 -17.76 2.61
N ARG B 122 -5.71 -16.95 1.71
CA ARG B 122 -5.08 -15.77 1.11
C ARG B 122 -4.81 -14.74 2.20
N LYS B 123 -5.81 -14.45 3.05
CA LYS B 123 -5.73 -13.50 4.16
C LYS B 123 -4.61 -13.92 5.11
N GLU B 124 -4.54 -15.22 5.45
CA GLU B 124 -3.55 -15.84 6.32
C GLU B 124 -2.14 -15.76 5.79
N ILE B 125 -1.96 -15.92 4.46
CA ILE B 125 -0.63 -15.86 3.85
C ILE B 125 -0.18 -14.38 3.72
N VAL B 126 -1.09 -13.46 3.35
CA VAL B 126 -0.79 -12.02 3.24
C VAL B 126 -0.45 -11.47 4.66
N ASP B 127 -1.20 -11.93 5.68
CA ASP B 127 -0.94 -11.58 7.07
C ASP B 127 0.43 -12.11 7.53
N PHE B 128 0.76 -13.38 7.19
CA PHE B 128 2.05 -14.01 7.51
C PHE B 128 3.20 -13.25 6.86
N HIS B 129 3.06 -12.89 5.57
CA HIS B 129 4.02 -12.09 4.82
C HIS B 129 4.26 -10.78 5.57
N GLY B 130 3.18 -10.12 5.99
CA GLY B 130 3.21 -8.87 6.74
C GLY B 130 3.96 -8.91 8.05
N GLU B 131 3.81 -10.01 8.80
CA GLU B 131 4.46 -10.25 10.08
C GLU B 131 6.00 -10.41 9.91
N MET B 132 6.42 -11.06 8.82
CA MET B 132 7.83 -11.27 8.48
C MET B 132 8.48 -9.94 8.08
N VAL B 133 7.71 -9.07 7.40
CA VAL B 133 8.17 -7.74 7.03
C VAL B 133 8.24 -6.90 8.33
N LEU B 134 7.33 -7.14 9.28
CA LEU B 134 7.33 -6.51 10.60
C LEU B 134 8.63 -6.85 11.37
N LEU B 135 9.03 -8.14 11.40
CA LEU B 135 10.26 -8.56 12.06
C LEU B 135 11.50 -7.94 11.39
N GLU B 136 11.44 -7.75 10.08
CA GLU B 136 12.47 -7.13 9.28
C GLU B 136 12.56 -5.62 9.61
N ASN B 137 11.39 -4.96 9.83
CA ASN B 137 11.29 -3.55 10.22
C ASN B 137 11.76 -3.31 11.65
N TYR B 138 11.47 -4.27 12.54
CA TYR B 138 11.88 -4.32 13.94
C TYR B 138 13.42 -4.25 13.98
N SER B 139 14.09 -5.10 13.20
CA SER B 139 15.55 -5.16 13.08
C SER B 139 16.15 -3.87 12.53
N ALA B 140 15.48 -3.24 11.54
CA ALA B 140 15.94 -1.99 10.90
C ALA B 140 15.83 -0.83 11.89
N LEU B 141 14.70 -0.74 12.60
CA LEU B 141 14.46 0.30 13.59
C LEU B 141 15.38 0.15 14.79
N ASN B 142 15.55 -1.10 15.32
CA ASN B 142 16.48 -1.34 16.43
C ASN B 142 17.91 -0.99 16.05
N TYR B 143 18.33 -1.35 14.83
CA TYR B 143 19.68 -1.04 14.36
C TYR B 143 19.90 0.47 14.28
N THR B 144 18.99 1.21 13.60
CA THR B 144 19.06 2.66 13.45
C THR B 144 19.26 3.37 14.80
N GLY B 145 18.46 3.00 15.79
CA GLY B 145 18.55 3.55 17.14
C GLY B 145 19.84 3.20 17.85
N LEU B 146 20.36 1.97 17.62
CA LEU B 146 21.63 1.53 18.20
C LEU B 146 22.74 2.44 17.74
N VAL B 147 22.78 2.76 16.45
CA VAL B 147 23.77 3.68 15.88
C VAL B 147 23.62 5.06 16.55
N LYS B 148 22.38 5.60 16.66
CA LYS B 148 22.08 6.89 17.32
C LYS B 148 22.58 6.92 18.77
N ILE B 149 22.45 5.79 19.52
CA ILE B 149 22.90 5.70 20.91
C ILE B 149 24.43 5.70 21.00
N LEU B 150 25.10 4.89 20.17
CA LEU B 150 26.57 4.80 20.12
C LEU B 150 27.21 6.14 19.75
N LYS B 151 26.59 6.89 18.81
CA LYS B 151 27.06 8.21 18.38
C LYS B 151 27.03 9.18 19.58
N LYS B 152 25.90 9.22 20.32
CA LYS B 152 25.69 10.06 21.51
C LYS B 152 26.67 9.67 22.60
N TYR B 153 26.89 8.34 22.78
CA TYR B 153 27.83 7.72 23.72
C TYR B 153 29.26 8.20 23.47
N ASP B 154 29.76 8.04 22.22
CA ASP B 154 31.12 8.43 21.81
C ASP B 154 31.36 9.92 21.96
N LYS B 155 30.34 10.73 21.71
CA LYS B 155 30.37 12.19 21.80
C LYS B 155 30.49 12.58 23.27
N ARG B 156 29.81 11.82 24.14
CA ARG B 156 29.78 12.06 25.57
C ARG B 156 31.04 11.54 26.31
N THR B 157 31.57 10.36 25.93
CA THR B 157 32.72 9.73 26.60
C THR B 157 34.10 10.13 26.06
N GLY B 158 34.16 10.50 24.78
CA GLY B 158 35.41 10.81 24.10
C GLY B 158 36.05 9.53 23.59
N ALA B 159 35.32 8.40 23.76
CA ALA B 159 35.73 7.07 23.33
C ALA B 159 35.44 6.91 21.84
N LEU B 160 35.97 5.84 21.25
CA LEU B 160 35.79 5.49 19.86
C LEU B 160 35.49 3.98 19.78
N ILE B 161 34.28 3.63 20.26
CA ILE B 161 33.80 2.25 20.32
C ILE B 161 32.61 1.97 19.38
N ARG B 162 31.98 3.00 18.75
CA ARG B 162 30.85 2.82 17.82
C ARG B 162 31.23 1.90 16.65
N LEU B 163 32.40 2.13 16.04
CA LEU B 163 32.88 1.33 14.94
C LEU B 163 33.03 -0.16 15.36
N PRO B 164 33.85 -0.54 16.40
CA PRO B 164 33.89 -1.97 16.80
C PRO B 164 32.57 -2.52 17.35
N PHE B 165 31.77 -1.70 18.07
CA PHE B 165 30.47 -2.17 18.58
C PHE B 165 29.49 -2.50 17.46
N ILE B 166 29.38 -1.60 16.45
CA ILE B 166 28.48 -1.81 15.31
C ILE B 166 29.04 -2.92 14.41
N GLN B 167 30.38 -3.09 14.34
CA GLN B 167 30.93 -4.20 13.57
C GLN B 167 30.43 -5.53 14.15
N LYS B 168 30.35 -5.60 15.49
CA LYS B 168 29.81 -6.72 16.26
C LYS B 168 28.30 -6.90 15.91
N VAL B 169 27.51 -5.79 15.91
CA VAL B 169 26.06 -5.77 15.58
C VAL B 169 25.79 -6.27 14.15
N LEU B 170 26.53 -5.76 13.14
CA LEU B 170 26.41 -6.13 11.72
C LEU B 170 26.62 -7.63 11.45
N GLN B 171 27.07 -8.38 12.47
CA GLN B 171 27.32 -9.82 12.39
C GLN B 171 26.28 -10.62 13.18
N GLN B 172 25.43 -9.93 13.98
CA GLN B 172 24.39 -10.55 14.79
C GLN B 172 23.21 -11.08 13.94
N PRO B 173 22.54 -12.18 14.38
CA PRO B 173 21.38 -12.70 13.62
C PRO B 173 20.35 -11.66 13.19
N PHE B 174 19.84 -10.87 14.18
CA PHE B 174 18.80 -9.86 13.98
C PHE B 174 19.13 -8.85 12.85
N PHE B 175 20.37 -8.36 12.77
CA PHE B 175 20.71 -7.38 11.72
C PHE B 175 20.81 -7.99 10.31
N THR B 176 21.43 -9.16 10.21
CA THR B 176 21.67 -9.80 8.90
C THR B 176 20.37 -10.16 8.19
N THR B 177 19.38 -10.54 9.00
CA THR B 177 18.03 -10.94 8.57
C THR B 177 18.00 -12.47 8.43
N ASP B 178 19.16 -13.11 8.50
CA ASP B 178 19.23 -14.59 8.47
C ASP B 178 18.56 -15.17 7.21
N LEU B 179 17.65 -16.13 7.42
CA LEU B 179 16.92 -16.84 6.35
C LEU B 179 15.52 -16.25 6.18
N LEU B 180 15.26 -15.10 6.77
CA LEU B 180 13.99 -14.41 6.61
C LEU B 180 13.72 -13.97 5.19
N TYR B 181 14.78 -13.62 4.46
CA TYR B 181 14.67 -13.23 3.06
C TYR B 181 14.12 -14.40 2.23
N LYS B 182 14.62 -15.64 2.49
CA LYS B 182 14.16 -16.89 1.84
C LYS B 182 12.69 -17.20 2.15
N LEU B 183 12.23 -16.96 3.39
CA LEU B 183 10.84 -17.19 3.80
C LEU B 183 9.86 -16.21 3.11
N VAL B 184 10.23 -14.91 3.02
CA VAL B 184 9.40 -13.90 2.36
C VAL B 184 9.25 -14.29 0.89
N LYS B 185 10.37 -14.68 0.26
CA LYS B 185 10.44 -15.15 -1.14
C LYS B 185 9.49 -16.37 -1.36
N GLN B 186 9.50 -17.37 -0.46
CA GLN B 186 8.63 -18.56 -0.52
C GLN B 186 7.16 -18.18 -0.39
N CYS B 187 6.88 -17.23 0.54
CA CYS B 187 5.55 -16.71 0.83
C CYS B 187 4.99 -16.02 -0.42
N GLU B 188 5.83 -15.16 -1.05
CA GLU B 188 5.50 -14.45 -2.28
C GLU B 188 5.25 -15.41 -3.46
N ALA B 189 5.93 -16.58 -3.50
CA ALA B 189 5.76 -17.61 -4.53
C ALA B 189 4.42 -18.33 -4.39
N MET B 190 3.98 -18.59 -3.14
CA MET B 190 2.68 -19.20 -2.83
C MET B 190 1.58 -18.24 -3.30
N LEU B 191 1.80 -16.91 -3.11
CA LEU B 191 0.87 -15.85 -3.46
C LEU B 191 0.81 -15.54 -4.94
N ASP B 192 1.87 -15.85 -5.72
CA ASP B 192 1.88 -15.66 -7.17
C ASP B 192 0.91 -16.64 -7.84
N GLN B 193 0.61 -17.75 -7.15
CA GLN B 193 -0.31 -18.79 -7.60
C GLN B 193 -1.71 -18.62 -7.02
N LEU B 194 -1.80 -18.33 -5.70
CA LEU B 194 -3.03 -18.19 -4.90
C LEU B 194 -3.80 -16.86 -5.07
N LEU B 195 -3.07 -15.75 -5.25
CA LEU B 195 -3.62 -14.40 -5.40
C LEU B 195 -2.97 -13.88 -6.66
N PRO B 196 -3.32 -14.40 -7.86
CA PRO B 196 -2.61 -13.97 -9.06
C PRO B 196 -3.10 -12.67 -9.65
N SER B 197 -2.24 -12.05 -10.46
CA SER B 197 -2.50 -10.80 -11.16
C SER B 197 -2.85 -11.18 -12.57
N ASN B 198 -3.68 -10.36 -13.24
CA ASN B 198 -4.05 -10.60 -14.64
C ASN B 198 -2.84 -10.21 -15.49
N GLU B 199 -1.99 -11.22 -15.77
CA GLU B 199 -0.71 -11.13 -16.48
C GLU B 199 -0.78 -10.43 -17.82
N ILE B 200 -1.83 -10.73 -18.61
CA ILE B 200 -2.09 -10.17 -19.95
C ILE B 200 -2.59 -8.73 -19.84
N PHE B 201 -3.35 -8.41 -18.76
CA PHE B 201 -3.89 -7.06 -18.49
C PHE B 201 -2.77 -6.11 -18.15
N GLU B 202 -1.84 -6.53 -17.27
CA GLU B 202 -0.68 -5.72 -16.89
C GLU B 202 0.27 -5.56 -18.09
N MET B 203 0.36 -6.60 -18.95
CA MET B 203 1.19 -6.61 -20.16
C MET B 203 0.72 -5.54 -21.14
N LEU B 204 -0.59 -5.51 -21.42
CA LEU B 204 -1.14 -4.56 -22.37
C LEU B 204 -1.44 -3.19 -21.77
N ARG B 205 -1.44 -3.05 -20.43
CA ARG B 205 -1.61 -1.72 -19.87
C ARG B 205 -0.28 -0.96 -19.97
N ILE B 206 0.82 -1.71 -20.24
CA ILE B 206 2.18 -1.21 -20.46
C ILE B 206 2.37 -0.89 -21.96
N ASP B 207 1.91 -1.81 -22.83
CA ASP B 207 2.04 -1.73 -24.28
C ASP B 207 1.04 -0.81 -24.97
N GLU B 208 -0.26 -0.94 -24.65
CA GLU B 208 -1.28 -0.11 -25.29
C GLU B 208 -1.65 1.09 -24.41
N GLY B 209 -1.80 0.86 -23.10
CA GLY B 209 -2.12 1.89 -22.12
C GLY B 209 -3.54 1.83 -21.60
N LEU B 210 -3.71 2.13 -20.29
CA LEU B 210 -4.99 2.12 -19.59
C LEU B 210 -5.54 3.54 -19.35
N ARG B 211 -6.67 3.87 -20.02
CA ARG B 211 -7.35 5.16 -19.93
C ARG B 211 -8.79 4.98 -19.40
N LEU B 212 -9.14 5.65 -18.29
CA LEU B 212 -10.49 5.53 -17.69
C LEU B 212 -11.56 6.49 -18.29
N LYS B 213 -11.16 7.46 -19.15
CA LYS B 213 -12.08 8.43 -19.77
C LYS B 213 -12.09 8.27 -21.29
N ILE B 214 -13.29 8.46 -21.93
CA ILE B 214 -13.46 8.34 -23.38
C ILE B 214 -12.51 9.28 -24.11
N TYR B 215 -11.60 8.69 -24.89
CA TYR B 215 -10.61 9.41 -25.70
C TYR B 215 -10.78 9.04 -27.18
N LYS B 216 -9.94 9.65 -28.05
CA LYS B 216 -9.92 9.40 -29.49
C LYS B 216 -8.60 8.70 -29.81
N ASP B 217 -8.65 7.61 -30.61
CA ASP B 217 -7.47 6.83 -30.97
C ASP B 217 -6.57 7.57 -32.00
N THR B 218 -5.72 6.82 -32.74
CA THR B 218 -4.84 7.35 -33.80
C THR B 218 -5.75 7.89 -34.92
N GLU B 219 -6.90 7.23 -35.11
CA GLU B 219 -7.97 7.56 -36.05
C GLU B 219 -8.94 8.54 -35.31
N GLY B 220 -10.10 8.84 -35.92
CA GLY B 220 -11.07 9.74 -35.31
C GLY B 220 -12.24 9.05 -34.61
N TYR B 221 -11.97 7.87 -34.02
CA TYR B 221 -12.99 7.07 -33.34
C TYR B 221 -12.82 7.02 -31.81
N TYR B 222 -13.94 7.03 -31.07
CA TYR B 222 -13.96 7.00 -29.61
C TYR B 222 -13.57 5.65 -29.01
N THR B 223 -12.66 5.69 -28.02
CA THR B 223 -12.08 4.52 -27.35
C THR B 223 -12.04 4.75 -25.82
N ILE B 224 -11.98 3.65 -25.04
CA ILE B 224 -11.89 3.64 -23.58
C ILE B 224 -11.06 2.42 -23.11
N GLY B 225 -10.52 2.48 -21.89
CA GLY B 225 -9.71 1.44 -21.28
C GLY B 225 -8.41 1.16 -22.01
N ILE B 226 -8.22 -0.11 -22.40
CA ILE B 226 -7.05 -0.56 -23.16
C ILE B 226 -7.55 -0.91 -24.55
N GLY B 227 -7.49 0.08 -25.44
CA GLY B 227 -7.87 -0.02 -26.84
C GLY B 227 -9.23 -0.61 -27.17
N HIS B 228 -10.23 -0.32 -26.33
CA HIS B 228 -11.59 -0.79 -26.57
C HIS B 228 -12.41 0.23 -27.34
N LEU B 229 -12.56 0.02 -28.68
CA LEU B 229 -13.35 0.88 -29.55
C LEU B 229 -14.83 0.76 -29.18
N LEU B 230 -15.47 1.91 -28.90
CA LEU B 230 -16.88 1.98 -28.53
C LEU B 230 -17.76 2.12 -29.78
N THR B 231 -17.38 3.03 -30.70
CA THR B 231 -18.05 3.33 -31.97
C THR B 231 -17.19 4.18 -32.92
N LYS B 232 -17.45 4.08 -34.23
CA LYS B 232 -16.77 4.85 -35.27
C LYS B 232 -17.56 6.14 -35.56
N SER B 233 -18.70 6.32 -34.83
CA SER B 233 -19.62 7.45 -34.91
C SER B 233 -18.98 8.75 -34.41
N PRO B 234 -19.24 9.90 -35.08
CA PRO B 234 -18.66 11.17 -34.61
C PRO B 234 -19.34 11.74 -33.35
N SER B 235 -20.54 11.22 -33.00
CA SER B 235 -21.33 11.62 -31.84
C SER B 235 -20.74 11.09 -30.54
N LEU B 236 -20.55 11.97 -29.55
CA LEU B 236 -20.00 11.60 -28.24
C LEU B 236 -21.03 10.85 -27.40
N ASN B 237 -22.34 11.11 -27.63
CA ASN B 237 -23.42 10.43 -26.93
C ASN B 237 -23.65 9.01 -27.46
N ALA B 238 -23.25 8.75 -28.74
CA ALA B 238 -23.32 7.42 -29.38
C ALA B 238 -22.25 6.50 -28.75
N ALA B 239 -21.11 7.08 -28.37
CA ALA B 239 -20.00 6.39 -27.69
C ALA B 239 -20.33 6.19 -26.22
N LYS B 240 -21.14 7.11 -25.64
CA LYS B 240 -21.58 7.07 -24.25
C LYS B 240 -22.62 5.96 -24.04
N SER B 241 -23.64 5.87 -24.94
CA SER B 241 -24.70 4.86 -24.88
C SER B 241 -24.13 3.43 -25.04
N GLU B 242 -23.08 3.27 -25.84
CA GLU B 242 -22.39 1.99 -26.05
C GLU B 242 -21.62 1.57 -24.80
N LEU B 243 -21.09 2.55 -24.04
CA LEU B 243 -20.33 2.35 -22.80
C LEU B 243 -21.27 1.91 -21.65
N ASP B 244 -22.45 2.56 -21.55
CA ASP B 244 -23.47 2.25 -20.56
C ASP B 244 -24.07 0.85 -20.78
N LYS B 245 -24.07 0.37 -22.05
CA LYS B 245 -24.55 -0.96 -22.43
C LYS B 245 -23.50 -2.02 -22.06
N ALA B 246 -22.22 -1.76 -22.38
CA ALA B 246 -21.09 -2.65 -22.12
C ALA B 246 -20.85 -2.88 -20.62
N ILE B 247 -20.98 -1.81 -19.79
CA ILE B 247 -20.78 -1.89 -18.34
C ILE B 247 -22.08 -2.33 -17.63
N GLY B 248 -23.20 -1.70 -18.00
CA GLY B 248 -24.51 -1.99 -17.43
C GLY B 248 -25.01 -0.96 -16.44
N ARG B 249 -24.28 0.18 -16.30
CA ARG B 249 -24.60 1.27 -15.38
C ARG B 249 -24.50 2.64 -16.09
N ASN B 250 -24.86 3.74 -15.37
CA ASN B 250 -24.75 5.11 -15.85
C ASN B 250 -23.33 5.56 -15.48
N THR B 251 -22.44 5.62 -16.49
CA THR B 251 -21.00 5.90 -16.33
C THR B 251 -20.58 7.36 -16.56
N ASN B 252 -21.26 8.08 -17.50
CA ASN B 252 -21.00 9.48 -17.90
C ASN B 252 -19.70 9.68 -18.72
N GLY B 253 -19.02 8.58 -19.02
CA GLY B 253 -17.77 8.59 -19.78
C GLY B 253 -16.56 8.16 -18.99
N VAL B 254 -16.74 7.89 -17.69
CA VAL B 254 -15.68 7.45 -16.78
C VAL B 254 -15.96 6.07 -16.21
N ILE B 255 -14.91 5.25 -16.10
CA ILE B 255 -14.97 3.88 -15.56
C ILE B 255 -13.87 3.65 -14.53
N THR B 256 -13.98 2.56 -13.75
CA THR B 256 -12.97 2.17 -12.76
C THR B 256 -12.06 1.09 -13.33
N LYS B 257 -10.88 0.88 -12.71
CA LYS B 257 -9.88 -0.12 -13.11
C LYS B 257 -10.49 -1.51 -13.39
N ASP B 258 -11.39 -1.99 -12.50
CA ASP B 258 -12.00 -3.31 -12.66
C ASP B 258 -13.06 -3.36 -13.77
N GLU B 259 -13.70 -2.21 -14.07
CA GLU B 259 -14.67 -2.10 -15.16
C GLU B 259 -13.89 -2.21 -16.48
N ALA B 260 -12.70 -1.57 -16.54
CA ALA B 260 -11.77 -1.59 -17.67
C ALA B 260 -11.10 -2.95 -17.80
N GLU B 261 -10.84 -3.64 -16.66
CA GLU B 261 -10.25 -4.99 -16.65
C GLU B 261 -11.25 -6.00 -17.21
N LYS B 262 -12.52 -5.99 -16.73
CA LYS B 262 -13.57 -6.90 -17.19
C LYS B 262 -13.92 -6.69 -18.66
N LEU B 263 -13.81 -5.45 -19.14
CA LEU B 263 -14.05 -5.09 -20.54
C LEU B 263 -12.93 -5.68 -21.41
N PHE B 264 -11.66 -5.60 -20.95
CA PHE B 264 -10.46 -6.14 -21.59
C PHE B 264 -10.49 -7.66 -21.63
N ASN B 265 -10.95 -8.31 -20.54
CA ASN B 265 -11.06 -9.78 -20.43
C ASN B 265 -12.01 -10.31 -21.46
N GLN B 266 -13.08 -9.55 -21.74
CA GLN B 266 -14.08 -9.88 -22.76
C GLN B 266 -13.44 -9.77 -24.16
N ASP B 267 -12.52 -8.79 -24.35
CA ASP B 267 -11.80 -8.52 -25.59
C ASP B 267 -10.78 -9.63 -25.87
N VAL B 268 -10.14 -10.17 -24.81
CA VAL B 268 -9.18 -11.28 -24.87
C VAL B 268 -9.91 -12.54 -25.31
N ASP B 269 -11.02 -12.87 -24.63
CA ASP B 269 -11.87 -14.03 -24.91
C ASP B 269 -12.32 -14.02 -26.38
N ALA B 270 -12.72 -12.82 -26.87
CA ALA B 270 -13.16 -12.57 -28.24
C ALA B 270 -12.02 -12.79 -29.24
N ALA B 271 -10.81 -12.27 -28.89
CA ALA B 271 -9.58 -12.40 -29.69
C ALA B 271 -9.15 -13.88 -29.81
N VAL B 272 -9.20 -14.66 -28.68
CA VAL B 272 -8.90 -16.10 -28.57
C VAL B 272 -9.92 -16.91 -29.40
N ARG B 273 -11.22 -16.53 -29.32
CA ARG B 273 -12.29 -17.15 -30.10
C ARG B 273 -12.00 -17.00 -31.60
N GLY B 274 -11.48 -15.82 -31.98
CA GLY B 274 -11.10 -15.49 -33.35
C GLY B 274 -9.91 -16.29 -33.83
N ILE B 275 -8.86 -16.37 -32.98
CA ILE B 275 -7.63 -17.14 -33.23
C ILE B 275 -7.98 -18.61 -33.43
N LEU B 276 -8.73 -19.20 -32.46
CA LEU B 276 -9.10 -20.61 -32.50
C LEU B 276 -9.97 -20.99 -33.71
N ARG B 277 -10.53 -20.00 -34.44
CA ARG B 277 -11.29 -20.28 -35.66
C ARG B 277 -10.53 -19.78 -36.91
N ASN B 278 -9.22 -19.42 -36.75
CA ASN B 278 -8.32 -19.01 -37.83
C ASN B 278 -7.34 -20.15 -38.14
N ALA B 279 -7.39 -20.69 -39.37
CA ALA B 279 -6.57 -21.81 -39.83
C ALA B 279 -5.06 -21.52 -39.85
N LYS B 280 -4.69 -20.24 -39.98
CA LYS B 280 -3.29 -19.80 -40.02
C LYS B 280 -2.75 -19.47 -38.62
N LEU B 281 -3.64 -19.35 -37.61
CA LEU B 281 -3.25 -19.00 -36.24
C LEU B 281 -3.48 -20.07 -35.19
N LYS B 282 -4.55 -20.86 -35.31
CA LYS B 282 -4.90 -21.91 -34.33
C LYS B 282 -3.76 -22.97 -34.12
N PRO B 283 -3.18 -23.63 -35.15
CA PRO B 283 -2.14 -24.64 -34.88
C PRO B 283 -0.99 -24.13 -34.01
N VAL B 284 -0.49 -22.90 -34.28
CA VAL B 284 0.60 -22.28 -33.53
C VAL B 284 0.13 -21.85 -32.12
N TYR B 285 -1.09 -21.27 -32.00
CA TYR B 285 -1.63 -20.87 -30.69
C TYR B 285 -1.77 -22.07 -29.77
N ASP B 286 -2.30 -23.19 -30.32
CA ASP B 286 -2.48 -24.45 -29.59
C ASP B 286 -1.18 -25.01 -29.05
N SER B 287 -0.09 -24.86 -29.83
CA SER B 287 1.23 -25.36 -29.46
C SER B 287 1.95 -24.48 -28.43
N LEU B 288 1.68 -23.16 -28.42
CA LEU B 288 2.32 -22.25 -27.47
C LEU B 288 1.81 -22.47 -26.04
N ASP B 289 2.63 -22.08 -25.06
CA ASP B 289 2.31 -22.11 -23.63
C ASP B 289 1.47 -20.85 -23.32
N ALA B 290 0.83 -20.81 -22.15
CA ALA B 290 0.01 -19.67 -21.72
C ALA B 290 0.67 -18.28 -21.93
N VAL B 291 1.98 -18.17 -21.61
CA VAL B 291 2.76 -16.93 -21.69
C VAL B 291 2.94 -16.47 -23.13
N ARG B 292 3.49 -17.35 -23.99
CA ARG B 292 3.68 -17.09 -25.41
C ARG B 292 2.35 -16.89 -26.17
N ARG B 293 1.24 -17.41 -25.60
CA ARG B 293 -0.12 -17.20 -26.12
C ARG B 293 -0.54 -15.74 -25.85
N ALA B 294 -0.19 -15.17 -24.67
CA ALA B 294 -0.47 -13.75 -24.34
C ALA B 294 0.29 -12.78 -25.26
N ALA B 295 1.53 -13.16 -25.69
CA ALA B 295 2.36 -12.39 -26.62
C ALA B 295 1.72 -12.35 -28.02
N LEU B 296 1.13 -13.49 -28.45
CA LEU B 296 0.42 -13.58 -29.71
C LEU B 296 -0.89 -12.78 -29.68
N ILE B 297 -1.64 -12.82 -28.55
CA ILE B 297 -2.87 -12.03 -28.37
C ILE B 297 -2.51 -10.53 -28.43
N ASN B 298 -1.39 -10.15 -27.81
CA ASN B 298 -0.87 -8.78 -27.83
C ASN B 298 -0.75 -8.31 -29.30
N MET B 299 -0.08 -9.12 -30.14
CA MET B 299 0.14 -8.87 -31.56
C MET B 299 -1.18 -8.65 -32.28
N VAL B 300 -2.15 -9.55 -32.05
CA VAL B 300 -3.51 -9.53 -32.63
C VAL B 300 -4.24 -8.22 -32.25
N PHE B 301 -4.09 -7.77 -30.97
CA PHE B 301 -4.70 -6.53 -30.49
C PHE B 301 -4.17 -5.34 -31.27
N GLN B 302 -2.84 -5.32 -31.49
CA GLN B 302 -2.13 -4.27 -32.20
C GLN B 302 -2.38 -4.22 -33.73
N MET B 303 -2.14 -5.31 -34.46
CA MET B 303 -2.29 -5.28 -35.92
C MET B 303 -3.48 -6.04 -36.50
N GLY B 304 -4.21 -6.77 -35.67
CA GLY B 304 -5.37 -7.54 -36.11
C GLY B 304 -4.99 -8.96 -36.44
N GLU B 305 -6.02 -9.82 -36.54
CA GLU B 305 -5.91 -11.24 -36.85
C GLU B 305 -5.20 -11.43 -38.23
N THR B 306 -5.64 -10.66 -39.25
CA THR B 306 -5.11 -10.67 -40.62
C THR B 306 -3.62 -10.26 -40.70
N GLY B 307 -3.22 -9.22 -39.96
CA GLY B 307 -1.84 -8.77 -39.90
C GLY B 307 -0.91 -9.82 -39.34
N VAL B 308 -1.33 -10.46 -38.23
CA VAL B 308 -0.56 -11.51 -37.54
C VAL B 308 -0.43 -12.79 -38.40
N ALA B 309 -1.53 -13.21 -39.07
CA ALA B 309 -1.58 -14.40 -39.94
C ALA B 309 -0.59 -14.31 -41.14
N GLY B 310 -0.14 -13.08 -41.42
CA GLY B 310 0.81 -12.73 -42.46
C GLY B 310 2.27 -13.05 -42.13
N PHE B 311 2.56 -13.39 -40.85
CA PHE B 311 3.91 -13.76 -40.40
C PHE B 311 4.09 -15.27 -40.51
N THR B 312 3.72 -15.86 -41.66
CA THR B 312 3.76 -17.29 -41.98
C THR B 312 5.03 -18.01 -41.49
N ASN B 313 6.19 -17.43 -41.82
CA ASN B 313 7.53 -17.95 -41.54
C ASN B 313 7.89 -17.88 -40.07
N SER B 314 7.59 -16.73 -39.42
CA SER B 314 7.84 -16.54 -38.00
C SER B 314 6.94 -17.44 -37.16
N LEU B 315 5.63 -17.58 -37.57
CA LEU B 315 4.65 -18.43 -36.90
C LEU B 315 5.07 -19.90 -36.93
N ARG B 316 5.66 -20.34 -38.07
CA ARG B 316 6.20 -21.68 -38.28
C ARG B 316 7.33 -21.95 -37.29
N MET B 317 8.22 -20.96 -37.08
CA MET B 317 9.34 -21.07 -36.13
C MET B 317 8.85 -21.19 -34.69
N LEU B 318 7.74 -20.51 -34.35
CA LEU B 318 7.12 -20.51 -33.03
C LEU B 318 6.42 -21.83 -32.77
N GLN B 319 5.79 -22.39 -33.81
CA GLN B 319 5.08 -23.67 -33.78
C GLN B 319 6.07 -24.81 -33.59
N GLN B 320 7.27 -24.67 -34.18
CA GLN B 320 8.36 -25.63 -34.13
C GLN B 320 9.24 -25.45 -32.87
N LYS B 321 8.85 -24.46 -32.02
CA LYS B 321 9.47 -24.06 -30.74
C LYS B 321 10.95 -23.60 -30.89
N ARG B 322 11.27 -23.07 -32.09
CA ARG B 322 12.55 -22.48 -32.49
C ARG B 322 12.45 -20.99 -32.10
N TRP B 323 12.62 -20.73 -30.80
CA TRP B 323 12.43 -19.42 -30.18
C TRP B 323 13.34 -18.35 -30.73
N ASP B 324 14.67 -18.59 -30.72
CA ASP B 324 15.66 -17.63 -31.22
C ASP B 324 15.50 -17.36 -32.71
N GLU B 325 15.30 -18.42 -33.54
CA GLU B 325 15.08 -18.28 -34.98
C GLU B 325 13.86 -17.39 -35.29
N ALA B 326 12.77 -17.53 -34.51
CA ALA B 326 11.55 -16.73 -34.63
C ALA B 326 11.78 -15.28 -34.22
N ALA B 327 12.70 -15.05 -33.26
CA ALA B 327 13.03 -13.71 -32.76
C ALA B 327 13.77 -12.91 -33.82
N VAL B 328 14.88 -13.47 -34.36
CA VAL B 328 15.69 -12.87 -35.41
C VAL B 328 14.82 -12.52 -36.63
N ASN B 329 13.86 -13.41 -36.96
CA ASN B 329 12.96 -13.20 -38.08
C ASN B 329 11.91 -12.12 -37.84
N LEU B 330 11.31 -12.07 -36.63
CA LEU B 330 10.29 -11.07 -36.29
C LEU B 330 10.87 -9.64 -36.23
N ALA B 331 12.16 -9.52 -35.85
CA ALA B 331 12.90 -8.26 -35.72
C ALA B 331 13.12 -7.53 -37.05
N LYS B 332 13.08 -8.26 -38.18
CA LYS B 332 13.28 -7.65 -39.49
C LYS B 332 11.94 -7.19 -40.12
N SER B 333 10.82 -7.36 -39.40
CA SER B 333 9.50 -6.92 -39.87
C SER B 333 9.35 -5.40 -39.73
N ARG B 334 8.41 -4.81 -40.51
CA ARG B 334 8.07 -3.38 -40.44
C ARG B 334 7.52 -3.02 -39.06
N TRP B 335 6.79 -3.98 -38.41
CA TRP B 335 6.20 -3.90 -37.06
C TRP B 335 7.26 -3.54 -36.01
N TYR B 336 8.45 -4.16 -36.10
CA TYR B 336 9.57 -3.90 -35.22
C TYR B 336 10.04 -2.44 -35.30
N ASN B 337 9.96 -1.83 -36.49
CA ASN B 337 10.34 -0.42 -36.64
C ASN B 337 9.18 0.52 -36.24
N GLN B 338 7.92 0.07 -36.43
CA GLN B 338 6.70 0.83 -36.10
C GLN B 338 6.60 1.18 -34.62
N THR B 339 6.72 0.16 -33.73
CA THR B 339 6.66 0.27 -32.26
C THR B 339 7.82 -0.60 -31.71
N PRO B 340 9.10 -0.10 -31.71
CA PRO B 340 10.21 -0.97 -31.32
C PRO B 340 10.23 -1.42 -29.87
N ASN B 341 9.81 -0.55 -28.94
CA ASN B 341 9.75 -0.85 -27.51
C ASN B 341 8.82 -2.00 -27.23
N ARG B 342 7.59 -1.90 -27.76
CA ARG B 342 6.55 -2.90 -27.65
C ARG B 342 6.95 -4.19 -28.36
N ALA B 343 7.42 -4.10 -29.64
CA ALA B 343 7.85 -5.25 -30.44
C ALA B 343 8.97 -6.07 -29.77
N LYS B 344 9.99 -5.40 -29.18
CA LYS B 344 11.11 -6.05 -28.50
C LYS B 344 10.63 -6.81 -27.27
N ARG B 345 9.69 -6.22 -26.50
CA ARG B 345 9.10 -6.82 -25.31
C ARG B 345 8.29 -8.07 -25.65
N VAL B 346 7.57 -8.05 -26.79
CA VAL B 346 6.77 -9.19 -27.28
C VAL B 346 7.70 -10.32 -27.80
N ILE B 347 8.77 -9.95 -28.55
CA ILE B 347 9.77 -10.86 -29.12
C ILE B 347 10.54 -11.57 -27.99
N THR B 348 10.88 -10.84 -26.91
CA THR B 348 11.55 -11.38 -25.73
C THR B 348 10.63 -12.39 -25.01
N THR B 349 9.31 -12.14 -24.98
CA THR B 349 8.32 -13.03 -24.38
C THR B 349 8.28 -14.33 -25.18
N PHE B 350 8.38 -14.25 -26.53
CA PHE B 350 8.45 -15.44 -27.39
C PHE B 350 9.77 -16.19 -27.20
N ARG B 351 10.86 -15.47 -26.87
CA ARG B 351 12.18 -16.05 -26.66
C ARG B 351 12.25 -16.80 -25.33
N THR B 352 12.00 -16.07 -24.23
CA THR B 352 12.13 -16.57 -22.87
C THR B 352 10.95 -17.39 -22.38
N GLY B 353 9.73 -17.01 -22.77
CA GLY B 353 8.51 -17.64 -22.28
C GLY B 353 8.20 -17.19 -20.87
N THR B 354 8.67 -15.97 -20.49
CA THR B 354 8.50 -15.34 -19.17
C THR B 354 8.00 -13.88 -19.29
N TRP B 355 7.56 -13.30 -18.15
CA TRP B 355 7.08 -11.90 -18.01
C TRP B 355 8.22 -10.92 -17.67
N ASP B 356 9.48 -11.39 -17.73
CA ASP B 356 10.70 -10.66 -17.41
C ASP B 356 11.00 -9.44 -18.31
N ALA B 357 10.18 -9.20 -19.34
CA ALA B 357 10.32 -8.05 -20.23
C ALA B 357 9.40 -6.96 -19.68
N TYR B 358 8.38 -7.36 -18.91
CA TYR B 358 7.36 -6.50 -18.31
C TYR B 358 7.54 -6.40 -16.81
N SER C 1 8.86 23.99 -20.27
CA SER C 1 9.07 23.40 -18.95
C SER C 1 7.78 23.46 -18.10
N ARG C 2 7.55 22.42 -17.29
CA ARG C 2 6.39 22.31 -16.40
C ARG C 2 6.49 23.30 -15.22
N MET C 3 5.33 23.85 -14.77
CA MET C 3 5.26 24.78 -13.66
C MET C 3 5.21 24.01 -12.34
N ARG C 4 6.11 24.34 -11.38
CA ARG C 4 6.04 23.74 -10.06
C ARG C 4 4.95 24.54 -9.36
N TRP C 5 3.78 23.90 -9.18
CA TRP C 5 2.60 24.44 -8.50
C TRP C 5 2.73 24.28 -7.01
N THR C 6 2.04 25.15 -6.25
CA THR C 6 1.98 25.13 -4.80
C THR C 6 0.49 25.20 -4.42
N PRO C 7 0.08 24.83 -3.18
CA PRO C 7 -1.35 24.96 -2.82
C PRO C 7 -1.84 26.42 -2.85
N GLU C 8 -0.91 27.37 -2.59
CA GLU C 8 -1.17 28.82 -2.60
C GLU C 8 -1.39 29.29 -4.03
N LEU C 9 -0.60 28.74 -4.97
CA LEU C 9 -0.72 29.05 -6.39
C LEU C 9 -2.06 28.50 -6.93
N HIS C 10 -2.47 27.28 -6.47
CA HIS C 10 -3.72 26.65 -6.87
C HIS C 10 -4.95 27.33 -6.26
N GLU C 11 -4.81 27.85 -5.03
CA GLU C 11 -5.87 28.60 -4.34
C GLU C 11 -6.20 29.89 -5.12
N ARG C 12 -5.15 30.54 -5.66
CA ARG C 12 -5.25 31.75 -6.45
C ARG C 12 -5.91 31.49 -7.81
N PHE C 13 -5.62 30.32 -8.40
CA PHE C 13 -6.16 29.81 -9.65
C PHE C 13 -7.68 29.61 -9.51
N VAL C 14 -8.11 28.86 -8.46
CA VAL C 14 -9.52 28.60 -8.14
C VAL C 14 -10.24 29.93 -7.98
N ASP C 15 -9.64 30.90 -7.28
CA ASP C 15 -10.24 32.22 -7.14
C ASP C 15 -10.43 32.90 -8.48
N ALA C 16 -9.39 32.91 -9.34
CA ALA C 16 -9.47 33.49 -10.68
C ALA C 16 -10.56 32.79 -11.54
N MET C 17 -10.83 31.50 -11.29
CA MET C 17 -11.83 30.64 -11.96
C MET C 17 -13.20 31.14 -11.68
N ASN C 18 -13.53 31.14 -10.37
CA ASN C 18 -14.80 31.56 -9.82
C ASN C 18 -15.11 33.00 -10.21
N LEU C 19 -14.12 33.91 -10.10
CA LEU C 19 -14.28 35.31 -10.49
C LEU C 19 -14.65 35.47 -11.97
N LEU C 20 -14.29 34.46 -12.79
CA LEU C 20 -14.55 34.44 -14.23
C LEU C 20 -15.75 33.57 -14.64
N GLY C 21 -16.52 33.12 -13.65
CA GLY C 21 -17.73 32.33 -13.87
C GLY C 21 -17.66 30.85 -13.57
N GLY C 22 -16.46 30.35 -13.28
CA GLY C 22 -16.24 28.92 -13.01
C GLY C 22 -15.57 28.19 -14.14
N SER C 23 -15.24 26.89 -13.92
CA SER C 23 -14.54 25.95 -14.83
C SER C 23 -14.99 25.97 -16.29
N GLU C 24 -16.30 26.14 -16.52
CA GLU C 24 -16.92 26.13 -17.85
C GLU C 24 -16.92 27.51 -18.52
N LYS C 25 -17.00 28.60 -17.74
CA LYS C 25 -16.96 29.94 -18.31
C LYS C 25 -15.54 30.50 -18.42
N ALA C 26 -14.70 30.32 -17.38
CA ALA C 26 -13.32 30.81 -17.31
C ALA C 26 -12.42 30.28 -18.43
N THR C 27 -11.70 31.20 -19.08
CA THR C 27 -10.77 30.88 -20.16
C THR C 27 -9.33 30.91 -19.61
N PRO C 28 -8.40 30.07 -20.13
CA PRO C 28 -7.00 30.13 -19.67
C PRO C 28 -6.35 31.51 -19.80
N LYS C 29 -6.74 32.27 -20.86
CA LYS C 29 -6.28 33.62 -21.19
C LYS C 29 -6.68 34.59 -20.08
N GLY C 30 -7.93 34.49 -19.64
CA GLY C 30 -8.49 35.31 -18.58
C GLY C 30 -7.90 35.01 -17.22
N VAL C 31 -7.77 33.70 -16.88
CA VAL C 31 -7.22 33.20 -15.61
C VAL C 31 -5.77 33.71 -15.40
N MET C 32 -4.93 33.60 -16.43
CA MET C 32 -3.55 34.05 -16.41
C MET C 32 -3.40 35.56 -16.29
N LYS C 33 -4.39 36.31 -16.81
CA LYS C 33 -4.43 37.77 -16.72
C LYS C 33 -4.80 38.15 -15.27
N LEU C 34 -5.69 37.36 -14.64
CA LEU C 34 -6.13 37.56 -13.27
C LEU C 34 -5.04 37.19 -12.27
N MET C 35 -4.37 36.05 -12.50
CA MET C 35 -3.31 35.52 -11.62
C MET C 35 -2.07 36.41 -11.57
N LYS C 36 -1.50 36.73 -12.76
CA LYS C 36 -0.28 37.52 -12.94
C LYS C 36 0.87 37.04 -11.99
N ALA C 37 1.25 35.75 -12.18
CA ALA C 37 2.31 35.10 -11.42
C ALA C 37 3.55 34.95 -12.28
N ASP C 38 4.73 35.01 -11.64
CA ASP C 38 6.05 34.90 -12.26
C ASP C 38 6.23 33.54 -12.94
N ASN C 39 6.85 33.56 -14.14
CA ASN C 39 7.18 32.39 -14.97
C ASN C 39 5.94 31.55 -15.38
N LEU C 40 4.72 32.05 -15.10
CA LEU C 40 3.45 31.38 -15.39
C LEU C 40 2.97 31.76 -16.80
N THR C 41 2.79 30.75 -17.66
CA THR C 41 2.38 30.91 -19.06
C THR C 41 0.98 30.38 -19.34
N ILE C 42 0.48 30.61 -20.57
CA ILE C 42 -0.83 30.18 -21.06
C ILE C 42 -0.95 28.64 -21.11
N TYR C 43 0.17 27.95 -21.48
CA TYR C 43 0.26 26.50 -21.58
C TYR C 43 0.08 25.85 -20.21
N HIS C 44 0.66 26.47 -19.16
CA HIS C 44 0.59 26.05 -17.77
C HIS C 44 -0.87 26.10 -17.30
N VAL C 45 -1.57 27.22 -17.59
CA VAL C 45 -2.98 27.44 -17.23
C VAL C 45 -3.91 26.45 -17.92
N LYS C 46 -3.68 26.20 -19.23
CA LYS C 46 -4.42 25.26 -20.07
C LYS C 46 -4.33 23.83 -19.52
N SER C 47 -3.10 23.39 -19.19
CA SER C 47 -2.80 22.07 -18.63
C SER C 47 -3.45 21.91 -17.24
N HIS C 48 -3.30 22.96 -16.39
CA HIS C 48 -3.87 23.01 -15.04
C HIS C 48 -5.40 22.96 -15.07
N MET C 49 -6.04 23.79 -15.92
CA MET C 49 -7.48 23.83 -16.10
C MET C 49 -8.04 22.46 -16.47
N GLN C 50 -7.34 21.74 -17.37
CA GLN C 50 -7.67 20.38 -17.82
C GLN C 50 -7.65 19.43 -16.62
N LYS C 51 -6.53 19.38 -15.86
CA LYS C 51 -6.41 18.54 -14.66
C LYS C 51 -7.46 18.90 -13.60
N TYR C 52 -7.77 20.20 -13.43
CA TYR C 52 -8.77 20.73 -12.49
C TYR C 52 -10.17 20.25 -12.85
N ARG C 53 -10.52 20.32 -14.14
CA ARG C 53 -11.83 19.91 -14.63
C ARG C 53 -12.08 18.43 -14.40
N THR C 54 -11.12 17.56 -14.77
CA THR C 54 -11.20 16.11 -14.58
C THR C 54 -11.33 15.77 -13.08
N ALA C 55 -10.58 16.49 -12.21
CA ALA C 55 -10.63 16.32 -10.77
C ALA C 55 -11.99 16.70 -10.17
N ARG C 56 -12.69 17.70 -10.75
CA ARG C 56 -14.00 18.15 -10.28
C ARG C 56 -15.15 17.21 -10.68
N TYR C 57 -15.00 16.42 -11.78
CA TYR C 57 -16.06 15.50 -12.22
C TYR C 57 -16.08 14.23 -11.37
N ASN C 85 -15.43 -10.93 13.57
CA ASN C 85 -15.41 -10.52 12.16
C ASN C 85 -14.25 -9.60 11.80
N PHE C 86 -13.82 -9.65 10.52
CA PHE C 86 -12.82 -8.76 9.94
C PHE C 86 -13.58 -7.90 8.93
N ASP C 87 -13.44 -6.57 9.05
CA ASP C 87 -14.16 -5.60 8.21
C ASP C 87 -13.26 -4.75 7.33
N LEU C 88 -13.86 -4.09 6.33
CA LEU C 88 -13.18 -3.24 5.38
C LEU C 88 -12.67 -1.93 6.01
N THR C 89 -13.30 -1.48 7.11
CA THR C 89 -12.89 -0.28 7.85
C THR C 89 -11.58 -0.56 8.59
N GLU C 90 -11.43 -1.79 9.12
CA GLU C 90 -10.21 -2.25 9.78
C GLU C 90 -9.14 -2.44 8.71
N ALA C 91 -9.53 -2.96 7.51
CA ALA C 91 -8.64 -3.12 6.38
C ALA C 91 -8.12 -1.74 5.89
N LEU C 92 -8.94 -0.67 6.03
CA LEU C 92 -8.50 0.69 5.68
C LEU C 92 -7.52 1.22 6.73
N ARG C 93 -7.75 0.88 8.02
CA ARG C 93 -6.89 1.26 9.13
C ARG C 93 -5.50 0.68 8.95
N MET C 94 -5.43 -0.63 8.63
CA MET C 94 -4.19 -1.37 8.43
C MET C 94 -3.43 -0.86 7.23
N GLN C 95 -4.16 -0.45 6.16
CA GLN C 95 -3.63 0.11 4.91
C GLN C 95 -2.94 1.44 5.21
N LEU C 96 -3.62 2.32 5.97
CA LEU C 96 -3.10 3.60 6.38
C LEU C 96 -1.83 3.44 7.25
N GLU C 97 -1.88 2.52 8.24
CA GLU C 97 -0.73 2.24 9.10
C GLU C 97 0.47 1.70 8.31
N LEU C 98 0.23 0.84 7.29
CA LEU C 98 1.25 0.31 6.38
C LEU C 98 1.87 1.43 5.52
N GLN C 99 1.02 2.36 5.04
CA GLN C 99 1.46 3.52 4.27
C GLN C 99 2.31 4.43 5.17
N LYS C 100 1.94 4.55 6.48
CA LYS C 100 2.69 5.33 7.45
C LYS C 100 4.05 4.68 7.76
N ARG C 101 4.12 3.32 7.89
CA ARG C 101 5.37 2.59 8.18
C ARG C 101 6.36 2.78 7.06
N LEU C 102 5.89 2.71 5.81
CA LEU C 102 6.68 2.89 4.59
C LEU C 102 7.15 4.33 4.51
N HIS C 103 6.24 5.29 4.79
CA HIS C 103 6.51 6.73 4.80
C HIS C 103 7.63 7.07 5.80
N GLU C 104 7.50 6.57 7.03
CA GLU C 104 8.47 6.72 8.11
C GLU C 104 9.84 6.12 7.75
N GLN C 105 9.86 4.93 7.13
CA GLN C 105 11.09 4.31 6.66
C GLN C 105 11.71 5.07 5.49
N LEU C 106 10.89 5.71 4.63
CA LEU C 106 11.39 6.53 3.52
C LEU C 106 12.10 7.79 4.01
N GLU C 107 11.63 8.36 5.12
CA GLU C 107 12.15 9.56 5.77
C GLU C 107 13.53 9.26 6.40
N ILE C 108 13.70 8.04 6.98
CA ILE C 108 14.96 7.53 7.52
C ILE C 108 15.96 7.27 6.37
N GLN C 109 15.49 6.65 5.24
CA GLN C 109 16.30 6.36 4.06
C GLN C 109 16.99 7.63 3.55
N ARG C 110 16.22 8.70 3.32
CA ARG C 110 16.65 10.02 2.87
C ARG C 110 17.80 10.55 3.75
N SER C 111 17.72 10.31 5.08
CA SER C 111 18.69 10.72 6.10
C SER C 111 20.00 9.92 5.98
N LEU C 112 19.88 8.62 5.70
CA LEU C 112 21.00 7.71 5.48
C LEU C 112 21.72 8.04 4.19
N GLN C 113 20.95 8.34 3.13
CA GLN C 113 21.49 8.67 1.81
C GLN C 113 22.18 10.03 1.78
N LEU C 114 21.75 10.97 2.63
CA LEU C 114 22.40 12.27 2.77
C LEU C 114 23.72 12.10 3.56
N ARG C 115 23.72 11.23 4.59
CA ARG C 115 24.89 10.91 5.40
C ARG C 115 25.98 10.32 4.51
N ILE C 116 25.63 9.35 3.65
CA ILE C 116 26.53 8.73 2.66
C ILE C 116 27.19 9.79 1.77
N GLU C 117 26.41 10.77 1.32
CA GLU C 117 26.91 11.86 0.48
C GLU C 117 27.82 12.78 1.25
N GLU C 118 27.41 13.17 2.48
CA GLU C 118 28.20 14.04 3.36
C GLU C 118 29.52 13.39 3.76
N GLN C 119 29.51 12.09 4.08
CA GLN C 119 30.69 11.33 4.44
C GLN C 119 31.65 11.19 3.25
N GLY C 120 31.06 10.93 2.06
CA GLY C 120 31.77 10.80 0.79
C GLY C 120 32.48 12.08 0.39
N LYS C 121 31.86 13.24 0.69
CA LYS C 121 32.38 14.60 0.46
C LYS C 121 33.60 14.87 1.35
N CYS C 122 33.55 14.46 2.65
CA CYS C 122 34.64 14.59 3.64
C CYS C 122 35.84 13.75 3.24
N LEU C 123 35.60 12.50 2.83
CA LEU C 123 36.63 11.57 2.38
C LEU C 123 37.41 12.15 1.19
N GLN C 124 36.68 12.83 0.27
CA GLN C 124 37.27 13.48 -0.89
C GLN C 124 38.07 14.72 -0.47
N MET C 125 37.52 15.56 0.44
CA MET C 125 38.20 16.75 0.97
C MET C 125 39.50 16.38 1.69
N MET C 126 39.50 15.22 2.40
CA MET C 126 40.63 14.67 3.15
C MET C 126 41.75 14.16 2.25
N LEU C 127 41.40 13.59 1.07
CA LEU C 127 42.39 13.10 0.11
C LEU C 127 43.14 14.30 -0.50
N GLU C 128 42.40 15.41 -0.74
CA GLU C 128 42.89 16.67 -1.28
C GLU C 128 43.72 17.51 -0.28
N GLN C 129 43.94 16.97 0.95
CA GLN C 129 44.69 17.56 2.07
C GLN C 129 44.09 18.89 2.53
N GLU D 14 2.89 6.42 -15.94
CA GLU D 14 2.26 5.65 -14.86
C GLU D 14 0.70 5.83 -14.92
N THR D 15 0.16 6.98 -14.45
CA THR D 15 -1.27 7.34 -14.48
C THR D 15 -1.48 8.33 -15.65
N LEU D 16 -0.42 9.10 -15.98
CA LEU D 16 -0.36 10.10 -17.05
C LEU D 16 0.03 9.42 -18.39
N PRO D 17 -0.94 9.31 -19.35
CA PRO D 17 -0.66 8.60 -20.63
C PRO D 17 0.52 9.09 -21.47
N GLU D 18 0.86 10.38 -21.38
CA GLU D 18 1.97 11.03 -22.10
C GLU D 18 3.37 10.55 -21.64
N TRP D 19 3.44 9.88 -20.47
CA TRP D 19 4.67 9.39 -19.85
C TRP D 19 4.92 7.87 -19.92
N ARG D 20 3.99 7.12 -20.56
CA ARG D 20 3.95 5.65 -20.67
C ARG D 20 5.29 4.90 -20.89
N ASP D 21 5.86 4.98 -22.10
CA ASP D 21 7.11 4.28 -22.44
C ASP D 21 8.30 5.25 -22.40
N LYS D 22 8.20 6.31 -21.59
CA LYS D 22 9.19 7.38 -21.57
C LYS D 22 10.46 7.09 -20.82
N PHE D 23 10.44 6.22 -19.80
CA PHE D 23 11.66 6.02 -18.98
C PHE D 23 12.49 4.80 -19.34
N LEU D 24 13.82 4.94 -19.12
CA LEU D 24 14.83 3.91 -19.30
C LEU D 24 14.92 3.14 -18.01
N SER D 25 14.83 1.80 -18.07
CA SER D 25 14.95 0.99 -16.85
C SER D 25 16.40 1.04 -16.32
N TYR D 26 16.62 0.59 -15.07
CA TYR D 26 17.95 0.53 -14.48
C TYR D 26 18.82 -0.43 -15.33
N LYS D 27 18.20 -1.50 -15.87
CA LYS D 27 18.82 -2.49 -16.77
C LYS D 27 19.24 -1.82 -18.09
N ASP D 28 18.43 -0.88 -18.60
CA ASP D 28 18.74 -0.16 -19.84
C ASP D 28 19.91 0.82 -19.65
N LEU D 29 19.97 1.49 -18.50
CA LEU D 29 21.05 2.43 -18.15
C LEU D 29 22.36 1.69 -17.93
N LYS D 30 22.28 0.53 -17.25
CA LYS D 30 23.41 -0.38 -16.97
C LYS D 30 23.99 -0.91 -18.29
N LYS D 31 23.13 -1.18 -19.28
CA LYS D 31 23.55 -1.64 -20.60
C LYS D 31 24.26 -0.53 -21.37
N ARG D 32 23.75 0.73 -21.28
CA ARG D 32 24.35 1.91 -21.91
C ARG D 32 25.69 2.27 -21.27
N LEU D 33 25.81 2.04 -19.96
CA LEU D 33 27.04 2.26 -19.19
C LEU D 33 28.15 1.31 -19.64
N LYS D 34 27.78 0.12 -20.15
CA LYS D 34 28.73 -0.88 -20.66
C LYS D 34 29.44 -0.43 -21.94
N LEU D 35 28.86 0.53 -22.67
CA LEU D 35 29.38 1.08 -23.93
C LEU D 35 30.47 2.13 -23.77
N ILE D 36 30.72 2.64 -22.55
CA ILE D 36 31.71 3.72 -22.37
C ILE D 36 33.17 3.17 -22.23
N GLY D 37 33.29 1.91 -21.81
CA GLY D 37 34.58 1.24 -21.69
C GLY D 37 35.27 1.42 -20.35
N GLY D 38 35.69 0.29 -19.78
CA GLY D 38 36.42 0.21 -18.52
C GLY D 38 37.75 -0.48 -18.72
N GLY D 39 38.16 -0.58 -19.98
CA GLY D 39 39.39 -1.21 -20.43
C GLY D 39 39.26 -1.91 -21.77
N GLY D 40 38.20 -1.54 -22.53
CA GLY D 40 37.90 -2.10 -23.83
C GLY D 40 37.95 -1.13 -24.99
N GLY D 41 36.79 -0.55 -25.31
CA GLY D 41 36.62 0.43 -26.38
C GLY D 41 37.34 1.72 -26.04
N GLY D 42 36.80 2.42 -25.03
CA GLY D 42 37.39 3.65 -24.51
C GLY D 42 38.37 3.29 -23.41
N GLU D 43 39.49 2.60 -23.81
CA GLU D 43 40.59 2.11 -22.95
C GLU D 43 41.15 3.15 -22.00
N GLU D 44 41.22 2.81 -20.69
CA GLU D 44 41.67 3.70 -19.60
C GLU D 44 43.18 3.90 -19.58
N ARG D 45 43.76 3.83 -20.79
CA ARG D 45 45.14 4.05 -21.15
C ARG D 45 45.14 5.52 -21.63
N GLN D 46 44.23 5.84 -22.57
CA GLN D 46 44.03 7.19 -23.14
C GLN D 46 43.20 8.10 -22.22
N ALA D 47 42.49 7.50 -21.24
CA ALA D 47 41.64 8.20 -20.28
C ALA D 47 42.39 8.77 -19.09
N LYS D 48 43.66 8.35 -18.87
CA LYS D 48 44.53 8.83 -17.78
C LYS D 48 44.76 10.34 -17.91
N ARG D 49 44.87 10.77 -19.15
CA ARG D 49 45.08 12.14 -19.52
C ARG D 49 43.84 13.01 -19.35
N ALA D 50 42.64 12.45 -19.59
CA ALA D 50 41.38 13.15 -19.46
C ALA D 50 41.23 13.72 -18.04
N ARG D 51 40.52 14.85 -17.92
CA ARG D 51 40.30 15.55 -16.64
C ARG D 51 39.28 14.76 -15.80
N VAL D 52 39.39 14.82 -14.45
CA VAL D 52 38.46 14.10 -13.56
C VAL D 52 37.15 14.84 -13.38
N ALA D 53 37.24 16.11 -12.93
CA ALA D 53 36.14 17.03 -12.66
C ALA D 53 35.72 17.78 -13.93
N ALA D 54 34.39 17.97 -14.13
CA ALA D 54 33.79 18.63 -15.29
C ALA D 54 34.11 20.14 -15.44
N ASP D 55 34.92 20.73 -14.53
CA ASP D 55 35.33 22.15 -14.59
C ASP D 55 36.74 22.45 -14.03
N GLY D 56 37.49 23.31 -14.71
CA GLY D 56 38.87 23.56 -14.23
C GLY D 56 39.83 24.01 -15.32
N GLY D 57 40.96 23.30 -15.41
CA GLY D 57 42.04 23.51 -16.42
C GLY D 57 41.86 22.54 -17.57
N GLU D 58 42.93 21.97 -18.12
CA GLU D 58 42.78 21.05 -19.29
C GLU D 58 44.07 20.29 -19.67
N GLU D 59 43.92 19.33 -20.58
CA GLU D 59 45.01 18.62 -21.30
C GLU D 59 44.69 18.65 -22.80
N GLU D 60 43.59 19.32 -23.18
CA GLU D 60 43.07 19.47 -24.56
C GLU D 60 42.05 20.61 -24.58
N ALA D 61 41.22 20.71 -25.64
CA ALA D 61 40.19 21.77 -25.77
C ALA D 61 38.94 21.45 -24.92
N ALA D 62 38.01 22.39 -24.78
CA ALA D 62 36.82 22.27 -23.90
C ALA D 62 36.30 20.84 -23.65
N ALA D 63 36.65 19.89 -24.55
CA ALA D 63 36.29 18.47 -24.47
C ALA D 63 37.31 17.66 -23.60
N ALA D 64 38.07 18.36 -22.73
CA ALA D 64 39.13 17.83 -21.85
C ALA D 64 38.64 16.92 -20.72
N ALA D 65 37.38 17.04 -20.31
CA ALA D 65 36.83 16.27 -19.21
C ALA D 65 36.16 14.96 -19.59
N MET D 66 35.68 14.80 -20.84
CA MET D 66 34.96 13.58 -21.22
C MET D 66 35.29 13.06 -22.60
N THR D 67 35.12 11.74 -22.80
CA THR D 67 35.25 11.07 -24.09
C THR D 67 33.86 11.23 -24.82
N PRO D 68 33.73 10.97 -26.15
CA PRO D 68 32.40 11.05 -26.79
C PRO D 68 31.38 10.11 -26.11
N GLU D 69 31.82 8.88 -25.71
CA GLU D 69 31.00 7.87 -25.01
C GLU D 69 30.43 8.39 -23.70
N GLU D 70 31.30 8.96 -22.85
CA GLU D 70 31.01 9.56 -21.55
C GLU D 70 30.06 10.72 -21.68
N ALA D 71 30.32 11.60 -22.68
CA ALA D 71 29.48 12.78 -22.99
C ALA D 71 28.06 12.37 -23.34
N GLY D 72 27.93 11.33 -24.18
CA GLY D 72 26.67 10.75 -24.62
C GLY D 72 25.96 10.09 -23.47
N PHE D 73 26.70 9.33 -22.64
CA PHE D 73 26.09 8.69 -21.48
C PHE D 73 25.57 9.72 -20.48
N MET D 74 26.39 10.73 -20.14
CA MET D 74 26.01 11.78 -19.17
C MET D 74 24.85 12.63 -19.66
N ARG D 75 24.77 12.92 -20.96
CA ARG D 75 23.67 13.69 -21.53
C ARG D 75 22.35 12.90 -21.48
N LEU D 76 22.42 11.60 -21.75
CA LEU D 76 21.30 10.67 -21.69
C LEU D 76 20.77 10.55 -20.24
N LEU D 77 21.69 10.52 -19.25
CA LEU D 77 21.37 10.43 -17.83
C LEU D 77 20.73 11.73 -17.32
N GLU D 78 21.26 12.89 -17.71
CA GLU D 78 20.71 14.21 -17.36
C GLU D 78 19.31 14.35 -17.92
N ALA D 79 19.06 13.75 -19.10
CA ALA D 79 17.75 13.75 -19.74
C ALA D 79 16.77 12.84 -18.99
N GLU D 80 17.26 11.76 -18.36
CA GLU D 80 16.44 10.83 -17.57
C GLU D 80 15.95 11.51 -16.30
N LEU D 81 16.86 12.28 -15.66
CA LEU D 81 16.63 13.07 -14.46
C LEU D 81 15.54 14.10 -14.69
N ASP D 82 15.67 14.90 -15.79
CA ASP D 82 14.72 15.95 -16.14
C ASP D 82 13.35 15.37 -16.39
N LYS D 83 13.27 14.25 -17.13
CA LYS D 83 12.04 13.54 -17.41
C LYS D 83 11.37 13.12 -16.11
N PHE D 84 12.14 12.50 -15.18
CA PHE D 84 11.65 12.07 -13.89
C PHE D 84 11.19 13.24 -13.03
N ASN D 85 11.94 14.35 -13.07
CA ASN D 85 11.59 15.57 -12.34
C ASN D 85 10.32 16.23 -12.83
N SER D 86 10.12 16.28 -14.18
CA SER D 86 8.92 16.82 -14.84
C SER D 86 7.71 15.94 -14.54
N PHE D 87 7.90 14.60 -14.50
CA PHE D 87 6.82 13.67 -14.22
C PHE D 87 6.33 13.86 -12.79
N PHE D 88 7.29 13.93 -11.81
CA PHE D 88 7.10 14.10 -10.37
C PHE D 88 6.32 15.39 -10.05
N VAL D 89 6.73 16.50 -10.67
CA VAL D 89 6.15 17.85 -10.53
C VAL D 89 4.69 17.86 -11.04
N GLU D 90 4.42 17.16 -12.16
CA GLU D 90 3.10 17.03 -12.76
C GLU D 90 2.17 16.20 -11.83
N LYS D 91 2.74 15.19 -11.12
CA LYS D 91 2.01 14.34 -10.16
C LYS D 91 1.68 15.18 -8.94
N GLU D 92 2.62 16.03 -8.51
CA GLU D 92 2.45 16.97 -7.40
C GLU D 92 1.29 17.94 -7.68
N GLU D 93 1.22 18.49 -8.92
CA GLU D 93 0.17 19.38 -9.42
C GLU D 93 -1.22 18.74 -9.22
N GLU D 94 -1.38 17.47 -9.67
CA GLU D 94 -2.58 16.63 -9.55
C GLU D 94 -2.92 16.46 -8.06
N TYR D 95 -1.90 16.14 -7.23
CA TYR D 95 -2.06 15.95 -5.78
C TYR D 95 -2.49 17.24 -5.09
N ILE D 96 -1.98 18.40 -5.53
CA ILE D 96 -2.37 19.72 -4.99
C ILE D 96 -3.84 19.97 -5.31
N ILE D 97 -4.27 19.65 -6.54
CA ILE D 97 -5.65 19.79 -6.98
C ILE D 97 -6.58 18.89 -6.14
N ARG D 98 -6.21 17.62 -5.99
CA ARG D 98 -6.99 16.60 -5.27
C ARG D 98 -7.13 16.88 -3.78
N GLN D 99 -6.06 17.39 -3.13
CA GLN D 99 -6.07 17.73 -1.69
C GLN D 99 -7.12 18.81 -1.42
N LYS D 100 -7.11 19.89 -2.22
CA LYS D 100 -8.06 20.99 -2.10
C LYS D 100 -9.51 20.46 -2.22
N GLU D 101 -9.79 19.60 -3.23
CA GLU D 101 -11.14 19.03 -3.41
C GLU D 101 -11.59 18.20 -2.22
N LEU D 102 -10.66 17.43 -1.61
CA LEU D 102 -10.94 16.63 -0.41
C LEU D 102 -11.10 17.49 0.83
N GLN D 103 -10.22 18.51 1.01
CA GLN D 103 -10.27 19.44 2.14
C GLN D 103 -11.60 20.19 2.14
N ASP D 104 -12.07 20.60 0.94
CA ASP D 104 -13.33 21.29 0.73
C ASP D 104 -14.48 20.35 1.06
N ARG D 105 -14.40 19.07 0.63
CA ARG D 105 -15.42 18.04 0.87
C ARG D 105 -15.64 17.84 2.37
N VAL D 106 -14.54 17.75 3.14
CA VAL D 106 -14.57 17.60 4.60
C VAL D 106 -15.15 18.88 5.24
N ALA D 107 -14.70 20.07 4.80
CA ALA D 107 -15.16 21.38 5.28
C ALA D 107 -16.63 21.72 4.95
N ARG D 108 -17.05 21.61 3.66
CA ARG D 108 -18.41 21.89 3.17
C ARG D 108 -19.42 20.90 3.76
N ALA D 109 -19.03 19.62 3.85
CA ALA D 109 -19.86 18.59 4.44
C ALA D 109 -19.44 18.42 5.92
N ALA D 110 -19.31 19.57 6.64
CA ALA D 110 -18.97 19.61 8.07
C ALA D 110 -20.13 19.01 8.81
N GLY D 111 -21.36 19.40 8.42
CA GLY D 111 -22.62 18.88 8.93
C GLY D 111 -22.84 17.51 8.34
N ARG D 112 -22.12 16.58 8.96
CA ARG D 112 -21.78 15.20 8.54
C ARG D 112 -22.94 14.43 7.93
N GLU D 113 -22.62 13.81 6.78
CA GLU D 113 -23.52 13.02 5.89
C GLU D 113 -23.58 11.56 6.33
N SER D 114 -24.23 10.72 5.52
CA SER D 114 -24.49 9.33 5.86
C SER D 114 -23.20 8.56 6.16
N LYS D 115 -23.32 7.45 6.91
CA LYS D 115 -22.25 6.51 7.27
C LYS D 115 -21.55 6.09 5.97
N GLU D 116 -22.34 5.90 4.87
CA GLU D 116 -21.88 5.52 3.52
C GLU D 116 -20.94 6.57 2.94
N GLU D 117 -21.19 7.86 3.27
CA GLU D 117 -20.37 8.97 2.83
C GLU D 117 -19.12 9.15 3.71
N LEU D 118 -19.20 8.80 5.02
CA LEU D 118 -18.04 8.84 5.93
C LEU D 118 -16.99 7.81 5.47
N MET D 119 -17.44 6.63 5.03
CA MET D 119 -16.59 5.54 4.56
C MET D 119 -15.98 5.82 3.19
N ARG D 120 -16.72 6.50 2.29
CA ARG D 120 -16.28 6.86 0.93
C ARG D 120 -15.14 7.85 0.94
N VAL D 121 -15.31 8.99 1.65
CA VAL D 121 -14.33 10.07 1.77
C VAL D 121 -13.05 9.56 2.49
N ARG D 122 -13.21 8.68 3.52
CA ARG D 122 -12.10 8.06 4.24
C ARG D 122 -11.27 7.16 3.32
N LYS D 123 -11.92 6.33 2.47
CA LYS D 123 -11.23 5.45 1.52
C LYS D 123 -10.51 6.26 0.48
N GLU D 124 -11.13 7.34 0.02
CA GLU D 124 -10.55 8.26 -0.95
C GLU D 124 -9.30 8.93 -0.38
N ILE D 125 -9.34 9.34 0.92
CA ILE D 125 -8.21 10.00 1.61
C ILE D 125 -7.08 9.00 1.90
N VAL D 126 -7.42 7.75 2.28
CA VAL D 126 -6.44 6.69 2.57
C VAL D 126 -5.72 6.29 1.29
N ASP D 127 -6.49 6.16 0.18
CA ASP D 127 -5.95 5.82 -1.13
C ASP D 127 -5.02 6.88 -1.65
N PHE D 128 -5.46 8.15 -1.56
CA PHE D 128 -4.69 9.33 -1.95
C PHE D 128 -3.38 9.40 -1.19
N HIS D 129 -3.45 9.20 0.15
CA HIS D 129 -2.33 9.16 1.09
C HIS D 129 -1.34 8.10 0.60
N GLY D 130 -1.87 6.92 0.23
CA GLY D 130 -1.15 5.76 -0.30
C GLY D 130 -0.43 6.00 -1.61
N GLU D 131 -1.12 6.67 -2.55
CA GLU D 131 -0.60 7.06 -3.86
C GLU D 131 0.64 7.94 -3.72
N MET D 132 0.56 8.94 -2.82
CA MET D 132 1.65 9.89 -2.56
C MET D 132 2.87 9.23 -1.92
N VAL D 133 2.66 8.33 -0.95
CA VAL D 133 3.73 7.57 -0.29
C VAL D 133 4.42 6.66 -1.34
N LEU D 134 3.62 6.08 -2.26
CA LEU D 134 4.17 5.22 -3.32
C LEU D 134 4.97 6.01 -4.35
N LEU D 135 4.65 7.29 -4.54
CA LEU D 135 5.42 8.17 -5.43
C LEU D 135 6.76 8.51 -4.76
N GLU D 136 6.78 8.75 -3.42
CA GLU D 136 8.06 9.02 -2.79
C GLU D 136 8.88 7.73 -2.65
N ASN D 137 8.22 6.57 -2.72
CA ASN D 137 8.87 5.27 -2.75
C ASN D 137 9.49 5.09 -4.13
N TYR D 138 8.73 5.38 -5.19
CA TYR D 138 9.21 5.27 -6.56
C TYR D 138 10.34 6.28 -6.80
N SER D 139 10.29 7.46 -6.18
CA SER D 139 11.35 8.44 -6.30
C SER D 139 12.60 8.05 -5.47
N ALA D 140 12.44 7.23 -4.41
CA ALA D 140 13.57 6.74 -3.60
C ALA D 140 14.34 5.64 -4.36
N LEU D 141 13.61 4.74 -5.05
CA LEU D 141 14.17 3.66 -5.88
C LEU D 141 15.00 4.22 -7.03
N ASN D 142 14.56 5.36 -7.59
CA ASN D 142 15.24 6.05 -8.67
C ASN D 142 16.56 6.64 -8.21
N TYR D 143 16.59 7.24 -7.00
CA TYR D 143 17.79 7.78 -6.40
C TYR D 143 18.79 6.63 -6.16
N THR D 144 18.30 5.48 -5.67
CA THR D 144 19.14 4.29 -5.41
C THR D 144 19.83 3.78 -6.69
N GLY D 145 19.07 3.64 -7.76
CA GLY D 145 19.60 3.24 -9.06
C GLY D 145 20.58 4.25 -9.60
N LEU D 146 20.31 5.54 -9.37
CA LEU D 146 21.15 6.66 -9.80
C LEU D 146 22.54 6.65 -9.18
N VAL D 147 22.64 6.49 -7.84
CA VAL D 147 23.90 6.41 -7.10
C VAL D 147 24.68 5.18 -7.60
N LYS D 148 24.01 4.01 -7.71
CA LYS D 148 24.63 2.78 -8.19
C LYS D 148 25.30 2.99 -9.58
N ILE D 149 24.60 3.66 -10.50
CA ILE D 149 25.06 3.97 -11.85
C ILE D 149 26.25 4.94 -11.82
N LEU D 150 26.18 5.98 -10.96
CA LEU D 150 27.25 6.96 -10.87
C LEU D 150 28.49 6.43 -10.20
N LYS D 151 28.32 5.48 -9.26
CA LYS D 151 29.40 4.78 -8.55
C LYS D 151 30.15 3.96 -9.59
N LYS D 152 29.41 3.21 -10.45
CA LYS D 152 29.93 2.38 -11.56
C LYS D 152 30.58 3.25 -12.61
N TYR D 153 30.03 4.45 -12.86
CA TYR D 153 30.54 5.41 -13.84
C TYR D 153 31.96 5.87 -13.43
N ASP D 154 32.11 6.33 -12.18
CA ASP D 154 33.38 6.83 -11.63
C ASP D 154 34.46 5.75 -11.62
N LYS D 155 34.10 4.51 -11.28
CA LYS D 155 35.01 3.37 -11.21
C LYS D 155 35.50 2.93 -12.58
N ARG D 156 34.60 2.86 -13.57
CA ARG D 156 34.93 2.45 -14.94
C ARG D 156 35.75 3.49 -15.68
N THR D 157 35.43 4.79 -15.51
CA THR D 157 36.08 5.91 -16.20
C THR D 157 37.33 6.48 -15.52
N GLY D 158 37.32 6.53 -14.18
CA GLY D 158 38.40 7.11 -13.41
C GLY D 158 38.14 8.59 -13.17
N ALA D 159 36.92 9.05 -13.48
CA ALA D 159 36.47 10.43 -13.33
C ALA D 159 35.80 10.65 -11.97
N LEU D 160 35.53 11.92 -11.61
CA LEU D 160 34.87 12.29 -10.36
C LEU D 160 33.61 13.04 -10.71
N ILE D 161 32.58 12.30 -11.02
CA ILE D 161 31.29 12.80 -11.44
C ILE D 161 30.24 12.65 -10.37
N ARG D 162 30.24 11.50 -9.63
CA ARG D 162 29.26 11.13 -8.59
C ARG D 162 28.96 12.22 -7.55
N LEU D 163 29.99 12.76 -6.85
CA LEU D 163 29.77 13.78 -5.82
C LEU D 163 29.14 15.05 -6.39
N PRO D 164 29.71 15.72 -7.44
CA PRO D 164 29.03 16.91 -7.98
C PRO D 164 27.65 16.61 -8.60
N PHE D 165 27.48 15.41 -9.20
CA PHE D 165 26.21 15.04 -9.82
C PHE D 165 25.10 14.79 -8.80
N ILE D 166 25.41 14.04 -7.73
CA ILE D 166 24.43 13.76 -6.68
C ILE D 166 24.11 15.03 -5.89
N GLN D 167 25.07 15.92 -5.70
CA GLN D 167 24.85 17.19 -4.99
C GLN D 167 23.73 18.03 -5.64
N LYS D 168 23.65 18.05 -6.99
CA LYS D 168 22.59 18.71 -7.77
C LYS D 168 21.24 17.98 -7.59
N VAL D 169 21.28 16.63 -7.58
CA VAL D 169 20.14 15.71 -7.40
C VAL D 169 19.47 15.87 -6.01
N LEU D 170 20.27 16.05 -4.93
CA LEU D 170 19.82 16.22 -3.54
C LEU D 170 19.01 17.51 -3.30
N GLN D 171 19.01 18.41 -4.29
CA GLN D 171 18.30 19.69 -4.22
C GLN D 171 17.04 19.70 -5.10
N GLN D 172 16.86 18.65 -5.93
CA GLN D 172 15.76 18.49 -6.87
C GLN D 172 14.46 17.98 -6.24
N PRO D 173 13.27 18.43 -6.77
CA PRO D 173 11.98 18.05 -6.16
C PRO D 173 11.75 16.57 -5.88
N PHE D 174 12.12 15.67 -6.83
CA PHE D 174 11.91 14.22 -6.68
C PHE D 174 12.63 13.66 -5.45
N PHE D 175 13.82 14.19 -5.11
CA PHE D 175 14.56 13.67 -3.95
C PHE D 175 14.00 14.24 -2.65
N THR D 176 13.81 15.55 -2.62
CA THR D 176 13.39 16.31 -1.46
C THR D 176 12.00 15.85 -0.93
N THR D 177 10.96 15.73 -1.83
CA THR D 177 9.56 15.35 -1.53
C THR D 177 8.95 16.20 -0.37
N ASP D 178 9.35 17.50 -0.30
CA ASP D 178 8.95 18.43 0.77
C ASP D 178 7.47 18.79 0.75
N LEU D 179 6.89 18.90 -0.46
CA LEU D 179 5.47 19.21 -0.62
C LEU D 179 4.62 17.97 -0.34
N LEU D 180 5.12 16.78 -0.78
CA LEU D 180 4.47 15.49 -0.54
C LEU D 180 4.35 15.21 0.95
N TYR D 181 5.39 15.52 1.74
CA TYR D 181 5.38 15.34 3.20
C TYR D 181 4.20 16.13 3.82
N LYS D 182 4.03 17.43 3.46
CA LYS D 182 2.93 18.28 3.94
C LYS D 182 1.56 17.72 3.55
N LEU D 183 1.39 17.34 2.25
CA LEU D 183 0.15 16.78 1.70
C LEU D 183 -0.26 15.51 2.43
N VAL D 184 0.70 14.57 2.62
CA VAL D 184 0.52 13.30 3.35
C VAL D 184 0.12 13.62 4.79
N LYS D 185 0.82 14.56 5.44
CA LYS D 185 0.53 15.00 6.80
C LYS D 185 -0.88 15.65 6.94
N GLN D 186 -1.42 16.22 5.83
CA GLN D 186 -2.73 16.86 5.80
C GLN D 186 -3.84 15.83 5.66
N CYS D 187 -3.55 14.71 4.98
CA CYS D 187 -4.47 13.58 4.81
C CYS D 187 -4.76 12.98 6.17
N GLU D 188 -3.69 12.79 6.97
CA GLU D 188 -3.69 12.26 8.35
C GLU D 188 -4.49 13.19 9.28
N ALA D 189 -4.41 14.51 9.04
CA ALA D 189 -5.15 15.53 9.78
C ALA D 189 -6.68 15.42 9.49
N MET D 190 -7.06 15.20 8.22
CA MET D 190 -8.46 15.03 7.76
C MET D 190 -9.07 13.74 8.28
N LEU D 191 -8.26 12.66 8.39
CA LEU D 191 -8.74 11.37 8.89
C LEU D 191 -8.97 11.41 10.41
N ASP D 192 -8.22 12.28 11.12
CA ASP D 192 -8.35 12.53 12.55
C ASP D 192 -9.60 13.37 12.82
N GLN D 193 -9.96 14.26 11.88
CA GLN D 193 -11.13 15.14 11.95
C GLN D 193 -12.42 14.37 11.64
N LEU D 194 -12.35 13.31 10.81
CA LEU D 194 -13.49 12.49 10.42
C LEU D 194 -13.78 11.40 11.45
N LEU D 195 -14.46 11.79 12.54
CA LEU D 195 -14.82 10.94 13.67
C LEU D 195 -15.85 9.87 13.29
N PRO D 196 -15.82 8.67 13.95
CA PRO D 196 -16.75 7.60 13.57
C PRO D 196 -18.22 7.91 13.83
N SER D 197 -19.09 7.25 13.02
CA SER D 197 -20.55 7.38 13.05
C SER D 197 -21.18 6.88 14.36
N ASN D 198 -22.30 7.50 14.79
CA ASN D 198 -23.07 7.05 15.94
C ASN D 198 -23.87 5.82 15.47
N GLU D 199 -23.34 4.62 15.76
CA GLU D 199 -23.86 3.31 15.35
C GLU D 199 -25.32 3.03 15.75
N ILE D 200 -25.70 3.24 17.04
CA ILE D 200 -27.08 3.03 17.52
C ILE D 200 -28.05 3.93 16.75
N PHE D 201 -27.64 5.20 16.50
CA PHE D 201 -28.40 6.21 15.73
C PHE D 201 -28.64 5.75 14.30
N GLU D 202 -27.59 5.29 13.61
CA GLU D 202 -27.64 4.79 12.24
C GLU D 202 -28.53 3.55 12.13
N MET D 203 -28.47 2.65 13.13
CA MET D 203 -29.28 1.42 13.19
C MET D 203 -30.78 1.76 13.26
N LEU D 204 -31.15 2.73 14.11
CA LEU D 204 -32.55 3.11 14.25
C LEU D 204 -32.98 4.12 13.18
N ARG D 205 -32.01 4.69 12.44
CA ARG D 205 -32.25 5.56 11.28
C ARG D 205 -32.82 4.66 10.16
N ILE D 206 -32.34 3.40 10.08
CA ILE D 206 -32.76 2.40 9.09
C ILE D 206 -34.09 1.74 9.49
N ASP D 207 -34.22 1.35 10.75
CA ASP D 207 -35.39 0.65 11.29
C ASP D 207 -36.62 1.54 11.56
N GLU D 208 -36.44 2.71 12.20
CA GLU D 208 -37.53 3.61 12.57
C GLU D 208 -37.61 4.87 11.70
N GLY D 209 -36.53 5.23 11.03
CA GLY D 209 -36.50 6.41 10.17
C GLY D 209 -36.23 7.72 10.89
N LEU D 210 -35.57 8.65 10.17
CA LEU D 210 -35.24 9.99 10.67
C LEU D 210 -36.13 11.04 10.00
N ARG D 211 -36.69 11.96 10.80
CA ARG D 211 -37.56 13.05 10.31
C ARG D 211 -37.14 14.33 11.04
N LEU D 212 -36.61 15.31 10.27
CA LEU D 212 -36.12 16.59 10.82
C LEU D 212 -37.22 17.67 10.98
N LYS D 213 -38.48 17.32 10.72
CA LYS D 213 -39.64 18.22 10.88
C LYS D 213 -40.72 17.51 11.71
N ILE D 214 -41.50 18.28 12.51
CA ILE D 214 -42.57 17.75 13.37
C ILE D 214 -43.63 17.02 12.53
N TYR D 215 -43.75 15.70 12.76
CA TYR D 215 -44.71 14.81 12.10
C TYR D 215 -45.70 14.24 13.14
N LYS D 216 -46.57 13.29 12.73
CA LYS D 216 -47.54 12.66 13.63
C LYS D 216 -47.28 11.18 13.81
N ASP D 217 -47.43 10.72 15.07
CA ASP D 217 -47.25 9.35 15.54
C ASP D 217 -48.33 8.43 14.99
N THR D 218 -48.09 7.09 15.08
CA THR D 218 -49.02 6.03 14.66
C THR D 218 -50.35 6.15 15.42
N GLU D 219 -50.29 6.70 16.65
CA GLU D 219 -51.45 6.97 17.51
C GLU D 219 -52.05 8.34 17.18
N GLY D 220 -51.20 9.30 16.77
CA GLY D 220 -51.62 10.64 16.37
C GLY D 220 -51.05 11.79 17.19
N TYR D 221 -49.81 11.64 17.72
CA TYR D 221 -49.15 12.66 18.53
C TYR D 221 -47.98 13.33 17.81
N TYR D 222 -47.77 14.64 18.05
CA TYR D 222 -46.69 15.43 17.43
C TYR D 222 -45.28 15.00 17.89
N THR D 223 -44.57 14.25 17.02
CA THR D 223 -43.22 13.72 17.27
C THR D 223 -42.19 14.26 16.26
N ILE D 224 -40.87 14.03 16.54
CA ILE D 224 -39.74 14.47 15.70
C ILE D 224 -38.52 13.52 15.87
N GLY D 225 -37.59 13.56 14.90
CA GLY D 225 -36.37 12.75 14.89
C GLY D 225 -36.62 11.28 14.65
N ILE D 226 -36.06 10.43 15.52
CA ILE D 226 -36.24 8.97 15.49
C ILE D 226 -37.25 8.61 16.61
N GLY D 227 -38.50 8.98 16.38
CA GLY D 227 -39.61 8.71 17.29
C GLY D 227 -39.57 9.39 18.64
N HIS D 228 -39.12 10.65 18.72
CA HIS D 228 -39.11 11.36 19.99
C HIS D 228 -40.44 12.07 20.21
N LEU D 229 -41.18 11.68 21.27
CA LEU D 229 -42.47 12.31 21.55
C LEU D 229 -42.27 13.67 22.24
N LEU D 230 -42.85 14.73 21.66
CA LEU D 230 -42.74 16.10 22.17
C LEU D 230 -43.80 16.41 23.22
N THR D 231 -45.07 16.03 22.93
CA THR D 231 -46.27 16.19 23.78
C THR D 231 -47.43 15.39 23.18
N LYS D 232 -48.33 14.89 24.04
CA LYS D 232 -49.52 14.15 23.58
C LYS D 232 -50.66 15.14 23.23
N SER D 233 -50.44 16.44 23.52
CA SER D 233 -51.34 17.58 23.30
C SER D 233 -51.67 17.80 21.80
N PRO D 234 -52.93 18.14 21.44
CA PRO D 234 -53.25 18.36 20.02
C PRO D 234 -52.78 19.71 19.48
N SER D 235 -52.14 20.54 20.33
CA SER D 235 -51.61 21.86 19.97
C SER D 235 -50.20 21.74 19.40
N LEU D 236 -50.00 22.25 18.18
CA LEU D 236 -48.70 22.27 17.50
C LEU D 236 -47.77 23.31 18.11
N ASN D 237 -48.34 24.42 18.63
CA ASN D 237 -47.60 25.50 19.30
C ASN D 237 -47.04 25.03 20.65
N ALA D 238 -47.63 23.97 21.22
CA ALA D 238 -47.21 23.30 22.46
C ALA D 238 -46.07 22.34 22.15
N ALA D 239 -46.12 21.71 20.96
CA ALA D 239 -45.10 20.79 20.47
C ALA D 239 -43.86 21.59 20.05
N LYS D 240 -44.07 22.76 19.40
CA LYS D 240 -43.02 23.70 18.98
C LYS D 240 -42.28 24.23 20.21
N SER D 241 -43.03 24.59 21.27
CA SER D 241 -42.48 25.11 22.54
C SER D 241 -41.65 24.07 23.30
N GLU D 242 -42.16 22.82 23.44
CA GLU D 242 -41.46 21.73 24.12
C GLU D 242 -40.15 21.37 23.37
N LEU D 243 -40.18 21.45 22.03
CA LEU D 243 -39.01 21.22 21.17
C LEU D 243 -37.99 22.36 21.36
N ASP D 244 -38.48 23.63 21.41
CA ASP D 244 -37.66 24.82 21.62
C ASP D 244 -36.89 24.77 22.95
N LYS D 245 -37.47 24.08 23.95
CA LYS D 245 -36.89 23.91 25.28
C LYS D 245 -35.89 22.76 25.35
N ALA D 246 -36.15 21.68 24.58
CA ALA D 246 -35.26 20.51 24.52
C ALA D 246 -34.00 20.78 23.70
N ILE D 247 -34.08 21.67 22.70
CA ILE D 247 -32.97 22.06 21.82
C ILE D 247 -32.22 23.27 22.41
N GLY D 248 -32.97 24.27 22.87
CA GLY D 248 -32.43 25.50 23.44
C GLY D 248 -32.32 26.64 22.46
N ARG D 249 -33.27 26.70 21.49
CA ARG D 249 -33.37 27.71 20.43
C ARG D 249 -34.75 27.62 19.74
N ASN D 250 -35.19 28.74 19.12
CA ASN D 250 -36.44 28.83 18.36
C ASN D 250 -36.23 28.09 17.02
N THR D 251 -36.52 26.77 17.03
CA THR D 251 -36.33 25.80 15.93
C THR D 251 -37.28 25.93 14.75
N ASN D 252 -38.49 26.49 14.96
CA ASN D 252 -39.58 26.63 13.98
C ASN D 252 -40.14 25.24 13.59
N GLY D 253 -39.88 24.23 14.42
CA GLY D 253 -40.30 22.85 14.20
C GLY D 253 -39.38 22.06 13.29
N VAL D 254 -38.20 22.64 12.98
CA VAL D 254 -37.17 22.09 12.10
C VAL D 254 -35.85 21.97 12.90
N ILE D 255 -35.30 20.76 12.96
CA ILE D 255 -34.05 20.47 13.67
C ILE D 255 -32.98 19.95 12.71
N THR D 256 -31.71 20.00 13.14
CA THR D 256 -30.59 19.47 12.36
C THR D 256 -30.45 17.98 12.68
N LYS D 257 -29.64 17.26 11.89
CA LYS D 257 -29.36 15.84 12.10
C LYS D 257 -28.67 15.65 13.46
N ASP D 258 -27.76 16.59 13.83
CA ASP D 258 -27.03 16.53 15.10
C ASP D 258 -27.95 16.80 16.33
N GLU D 259 -28.99 17.63 16.15
CA GLU D 259 -29.98 17.96 17.19
C GLU D 259 -30.88 16.77 17.45
N ALA D 260 -31.24 16.02 16.38
CA ALA D 260 -32.06 14.80 16.43
C ALA D 260 -31.28 13.68 17.11
N GLU D 261 -29.95 13.65 16.86
CA GLU D 261 -28.97 12.73 17.43
C GLU D 261 -28.88 12.90 18.94
N LYS D 262 -28.89 14.17 19.42
CA LYS D 262 -28.85 14.48 20.86
C LYS D 262 -30.12 14.00 21.56
N LEU D 263 -31.31 14.24 20.94
CA LEU D 263 -32.61 13.76 21.45
C LEU D 263 -32.61 12.25 21.48
N PHE D 264 -32.10 11.61 20.41
CA PHE D 264 -32.01 10.15 20.29
C PHE D 264 -31.18 9.52 21.43
N ASN D 265 -29.97 10.06 21.67
CA ASN D 265 -29.07 9.61 22.75
C ASN D 265 -29.75 9.69 24.14
N GLN D 266 -30.57 10.73 24.37
CA GLN D 266 -31.33 10.94 25.61
C GLN D 266 -32.38 9.84 25.74
N ASP D 267 -33.02 9.46 24.61
CA ASP D 267 -34.04 8.41 24.51
C ASP D 267 -33.45 7.02 24.70
N VAL D 268 -32.19 6.80 24.25
CA VAL D 268 -31.44 5.55 24.42
C VAL D 268 -31.09 5.43 25.92
N ASP D 269 -30.52 6.50 26.50
CA ASP D 269 -30.15 6.52 27.91
C ASP D 269 -31.32 6.20 28.83
N ALA D 270 -32.51 6.79 28.53
CA ALA D 270 -33.75 6.54 29.27
C ALA D 270 -34.18 5.08 29.12
N ALA D 271 -34.07 4.50 27.89
CA ALA D 271 -34.37 3.10 27.58
C ALA D 271 -33.43 2.12 28.34
N VAL D 272 -32.12 2.44 28.42
CA VAL D 272 -31.10 1.66 29.14
C VAL D 272 -31.37 1.72 30.65
N ARG D 273 -31.72 2.92 31.17
CA ARG D 273 -32.09 3.15 32.57
C ARG D 273 -33.27 2.24 32.98
N GLY D 274 -34.23 2.04 32.06
CA GLY D 274 -35.39 1.18 32.24
C GLY D 274 -35.03 -0.30 32.23
N ILE D 275 -34.16 -0.71 31.28
CA ILE D 275 -33.62 -2.06 31.16
C ILE D 275 -32.87 -2.45 32.47
N LEU D 276 -32.03 -1.54 33.01
CA LEU D 276 -31.27 -1.78 34.23
C LEU D 276 -32.16 -1.85 35.48
N ARG D 277 -33.39 -1.29 35.41
CA ARG D 277 -34.35 -1.36 36.52
C ARG D 277 -35.24 -2.62 36.34
N ASN D 278 -35.17 -3.25 35.14
CA ASN D 278 -35.96 -4.43 34.83
C ASN D 278 -35.21 -5.70 35.19
N ALA D 279 -35.75 -6.44 36.19
CA ALA D 279 -35.18 -7.69 36.70
C ALA D 279 -35.07 -8.80 35.64
N LYS D 280 -35.94 -8.77 34.64
CA LYS D 280 -35.95 -9.76 33.56
C LYS D 280 -34.98 -9.37 32.43
N LEU D 281 -34.64 -8.07 32.31
CA LEU D 281 -33.79 -7.59 31.23
C LEU D 281 -32.36 -7.23 31.63
N LYS D 282 -32.11 -6.77 32.88
CA LYS D 282 -30.77 -6.40 33.37
C LYS D 282 -29.71 -7.51 33.24
N PRO D 283 -29.97 -8.81 33.63
CA PRO D 283 -28.91 -9.82 33.51
C PRO D 283 -28.37 -10.03 32.08
N VAL D 284 -29.28 -10.22 31.08
CA VAL D 284 -28.90 -10.43 29.68
C VAL D 284 -28.20 -9.18 29.11
N TYR D 285 -28.76 -7.97 29.33
CA TYR D 285 -28.17 -6.70 28.89
C TYR D 285 -26.74 -6.51 29.42
N ASP D 286 -26.54 -6.73 30.73
CA ASP D 286 -25.23 -6.65 31.36
C ASP D 286 -24.20 -7.65 30.77
N SER D 287 -24.65 -8.86 30.39
CA SER D 287 -23.81 -9.94 29.83
C SER D 287 -23.36 -9.67 28.40
N LEU D 288 -24.11 -8.82 27.68
CA LEU D 288 -23.89 -8.49 26.27
C LEU D 288 -22.81 -7.46 26.01
N ASP D 289 -22.21 -7.58 24.80
CA ASP D 289 -21.25 -6.66 24.22
C ASP D 289 -22.09 -5.49 23.66
N ALA D 290 -21.45 -4.33 23.44
CA ALA D 290 -22.09 -3.10 22.99
C ALA D 290 -22.93 -3.19 21.70
N VAL D 291 -22.48 -3.96 20.68
CA VAL D 291 -23.24 -4.13 19.43
C VAL D 291 -24.54 -4.89 19.71
N ARG D 292 -24.44 -6.01 20.43
CA ARG D 292 -25.61 -6.82 20.79
C ARG D 292 -26.53 -6.08 21.76
N ARG D 293 -25.99 -5.13 22.55
CA ARG D 293 -26.76 -4.26 23.46
C ARG D 293 -27.73 -3.38 22.64
N ALA D 294 -27.24 -2.85 21.49
CA ALA D 294 -28.03 -2.03 20.57
C ALA D 294 -29.21 -2.79 19.98
N ALA D 295 -29.05 -4.09 19.64
CA ALA D 295 -30.13 -4.97 19.13
C ALA D 295 -31.24 -5.13 20.18
N LEU D 296 -30.86 -5.22 21.47
CA LEU D 296 -31.80 -5.29 22.58
C LEU D 296 -32.52 -3.94 22.78
N ILE D 297 -31.78 -2.80 22.70
CA ILE D 297 -32.30 -1.44 22.81
C ILE D 297 -33.29 -1.22 21.66
N ASN D 298 -32.90 -1.66 20.44
CA ASN D 298 -33.71 -1.63 19.24
C ASN D 298 -35.08 -2.26 19.52
N MET D 299 -35.09 -3.48 20.08
CA MET D 299 -36.30 -4.24 20.42
C MET D 299 -37.16 -3.50 21.42
N VAL D 300 -36.52 -2.88 22.45
CA VAL D 300 -37.19 -2.09 23.49
C VAL D 300 -37.88 -0.87 22.85
N PHE D 301 -37.22 -0.22 21.88
CA PHE D 301 -37.81 0.91 21.16
C PHE D 301 -39.04 0.47 20.35
N GLN D 302 -38.97 -0.70 19.72
CA GLN D 302 -40.08 -1.22 18.92
C GLN D 302 -41.28 -1.69 19.73
N MET D 303 -41.06 -2.55 20.75
CA MET D 303 -42.17 -3.15 21.49
C MET D 303 -42.25 -2.83 22.97
N GLY D 304 -41.27 -2.09 23.52
CA GLY D 304 -41.26 -1.75 24.93
C GLY D 304 -40.68 -2.84 25.80
N GLU D 305 -40.33 -2.46 27.04
CA GLU D 305 -39.70 -3.31 28.04
C GLU D 305 -40.41 -4.65 28.30
N THR D 306 -41.73 -4.60 28.52
CA THR D 306 -42.52 -5.80 28.83
C THR D 306 -42.82 -6.68 27.59
N GLY D 307 -42.53 -6.19 26.40
CA GLY D 307 -42.69 -6.94 25.17
C GLY D 307 -41.44 -7.78 25.00
N VAL D 308 -40.27 -7.15 25.24
CA VAL D 308 -38.93 -7.76 25.17
C VAL D 308 -38.75 -8.76 26.32
N ALA D 309 -39.30 -8.44 27.52
CA ALA D 309 -39.25 -9.28 28.74
C ALA D 309 -39.92 -10.62 28.56
N GLY D 310 -40.80 -10.69 27.56
CA GLY D 310 -41.52 -11.91 27.17
C GLY D 310 -40.60 -12.97 26.62
N PHE D 311 -39.55 -12.57 25.88
CA PHE D 311 -38.66 -13.52 25.17
C PHE D 311 -37.67 -14.17 26.14
N THR D 312 -38.18 -14.91 27.11
CA THR D 312 -37.40 -15.52 28.22
C THR D 312 -36.35 -16.53 27.78
N ASN D 313 -36.69 -17.47 26.90
CA ASN D 313 -35.78 -18.47 26.39
C ASN D 313 -34.66 -17.87 25.54
N SER D 314 -35.01 -17.09 24.50
CA SER D 314 -34.05 -16.44 23.61
C SER D 314 -33.09 -15.49 24.34
N LEU D 315 -33.61 -14.75 25.36
CA LEU D 315 -32.79 -13.85 26.18
C LEU D 315 -31.81 -14.68 26.99
N ARG D 316 -32.28 -15.82 27.56
CA ARG D 316 -31.45 -16.75 28.31
C ARG D 316 -30.36 -17.36 27.40
N MET D 317 -30.72 -17.66 26.14
CA MET D 317 -29.79 -18.18 25.14
C MET D 317 -28.72 -17.14 24.79
N LEU D 318 -29.10 -15.83 24.75
CA LEU D 318 -28.18 -14.71 24.47
C LEU D 318 -27.21 -14.52 25.64
N GLN D 319 -27.73 -14.63 26.87
CA GLN D 319 -27.03 -14.51 28.14
C GLN D 319 -26.02 -15.68 28.30
N GLN D 320 -26.36 -16.85 27.71
CA GLN D 320 -25.53 -18.06 27.69
C GLN D 320 -24.61 -18.06 26.46
N LYS D 321 -24.64 -16.95 25.67
CA LYS D 321 -23.83 -16.72 24.47
C LYS D 321 -24.03 -17.80 23.38
N ARG D 322 -25.26 -18.33 23.28
CA ARG D 322 -25.67 -19.33 22.29
C ARG D 322 -26.38 -18.55 21.20
N TRP D 323 -25.58 -17.81 20.41
CA TRP D 323 -26.00 -16.90 19.34
C TRP D 323 -26.89 -17.51 18.26
N ASP D 324 -26.49 -18.67 17.68
CA ASP D 324 -27.22 -19.35 16.61
C ASP D 324 -28.59 -19.86 17.05
N GLU D 325 -28.67 -20.54 18.22
CA GLU D 325 -29.90 -21.08 18.83
C GLU D 325 -30.89 -19.96 19.08
N ALA D 326 -30.38 -18.81 19.59
CA ALA D 326 -31.16 -17.61 19.88
C ALA D 326 -31.70 -17.00 18.60
N ALA D 327 -30.91 -17.01 17.51
CA ALA D 327 -31.28 -16.50 16.20
C ALA D 327 -32.41 -17.33 15.56
N VAL D 328 -32.33 -18.66 15.68
CA VAL D 328 -33.33 -19.59 15.16
C VAL D 328 -34.63 -19.47 15.99
N ASN D 329 -34.51 -19.24 17.33
CA ASN D 329 -35.66 -19.14 18.24
C ASN D 329 -36.47 -17.86 18.07
N LEU D 330 -35.76 -16.75 17.84
CA LEU D 330 -36.34 -15.42 17.66
C LEU D 330 -37.11 -15.31 16.35
N ALA D 331 -36.66 -16.01 15.29
CA ALA D 331 -37.33 -15.98 14.00
C ALA D 331 -38.67 -16.75 14.00
N LYS D 332 -38.92 -17.53 15.07
CA LYS D 332 -40.14 -18.32 15.29
C LYS D 332 -41.30 -17.49 15.92
N SER D 333 -41.00 -16.27 16.38
CA SER D 333 -41.94 -15.36 17.03
C SER D 333 -42.89 -14.60 16.09
N ARG D 334 -43.94 -13.97 16.68
CA ARG D 334 -44.90 -13.10 16.02
C ARG D 334 -44.26 -11.78 15.63
N TRP D 335 -43.26 -11.33 16.42
CA TRP D 335 -42.45 -10.14 16.15
C TRP D 335 -41.79 -10.30 14.77
N TYR D 336 -41.13 -11.46 14.54
CA TYR D 336 -40.49 -11.80 13.27
C TYR D 336 -41.51 -11.79 12.15
N ASN D 337 -42.64 -12.48 12.33
CA ASN D 337 -43.68 -12.56 11.30
C ASN D 337 -44.33 -11.20 10.98
N GLN D 338 -44.52 -10.33 12.01
CA GLN D 338 -45.15 -9.01 11.85
C GLN D 338 -44.22 -7.98 11.21
N THR D 339 -42.93 -7.92 11.63
CA THR D 339 -41.95 -7.00 11.05
C THR D 339 -40.71 -7.83 10.64
N PRO D 340 -40.79 -8.68 9.56
CA PRO D 340 -39.64 -9.54 9.21
C PRO D 340 -38.36 -8.84 8.75
N ASN D 341 -38.47 -7.69 8.05
CA ASN D 341 -37.29 -6.92 7.59
C ASN D 341 -36.49 -6.45 8.78
N ARG D 342 -37.13 -5.71 9.70
CA ARG D 342 -36.52 -5.19 10.92
C ARG D 342 -35.98 -6.33 11.79
N ALA D 343 -36.81 -7.37 12.06
CA ALA D 343 -36.44 -8.52 12.90
C ALA D 343 -35.23 -9.30 12.39
N LYS D 344 -35.13 -9.54 11.06
CA LYS D 344 -34.01 -10.24 10.43
C LYS D 344 -32.69 -9.44 10.60
N ARG D 345 -32.76 -8.09 10.62
CA ARG D 345 -31.61 -7.21 10.81
C ARG D 345 -31.18 -7.22 12.29
N VAL D 346 -32.17 -7.23 13.21
CA VAL D 346 -31.93 -7.28 14.65
C VAL D 346 -31.36 -8.67 15.03
N ILE D 347 -31.89 -9.75 14.41
CA ILE D 347 -31.46 -11.14 14.66
C ILE D 347 -30.02 -11.37 14.16
N THR D 348 -29.65 -10.77 12.99
CA THR D 348 -28.29 -10.86 12.43
C THR D 348 -27.30 -10.18 13.39
N THR D 349 -27.70 -9.02 13.97
CA THR D 349 -26.92 -8.27 14.94
C THR D 349 -26.67 -9.12 16.19
N PHE D 350 -27.69 -9.85 16.66
CA PHE D 350 -27.56 -10.74 17.82
C PHE D 350 -26.72 -11.98 17.49
N ARG D 351 -26.87 -12.54 16.28
CA ARG D 351 -26.14 -13.73 15.87
C ARG D 351 -24.67 -13.46 15.65
N THR D 352 -24.34 -12.37 14.93
CA THR D 352 -22.96 -12.02 14.54
C THR D 352 -22.24 -11.03 15.48
N GLY D 353 -22.98 -10.16 16.17
CA GLY D 353 -22.41 -9.14 17.04
C GLY D 353 -21.67 -8.07 16.27
N THR D 354 -22.13 -7.84 15.01
CA THR D 354 -21.56 -6.88 14.06
C THR D 354 -22.67 -5.99 13.49
N TRP D 355 -22.27 -4.96 12.72
CA TRP D 355 -23.19 -4.02 12.06
C TRP D 355 -23.45 -4.40 10.59
N ASP D 356 -23.10 -5.67 10.22
CA ASP D 356 -23.24 -6.28 8.88
C ASP D 356 -24.61 -6.07 8.22
N ALA D 357 -25.70 -6.19 9.01
CA ALA D 357 -27.07 -6.02 8.54
C ALA D 357 -27.49 -4.57 8.34
N TYR D 358 -26.70 -3.59 8.85
CA TYR D 358 -26.97 -2.15 8.75
C TYR D 358 -25.84 -1.41 8.03
C1 IHP E . 8.98 13.20 33.16
C2 IHP E . 8.47 13.00 34.61
C3 IHP E . 9.60 12.73 35.63
C4 IHP E . 10.66 11.71 35.16
C5 IHP E . 11.21 11.96 33.74
C6 IHP E . 10.07 12.18 32.73
O11 IHP E . 7.95 13.27 32.21
P1 IHP E . 8.16 14.15 30.83
O21 IHP E . 8.79 15.50 31.15
O31 IHP E . 6.82 14.39 30.16
O41 IHP E . 9.05 13.41 29.85
O12 IHP E . 7.64 14.06 35.07
P2 IHP E . 8.00 15.68 34.93
O22 IHP E . 9.49 15.94 34.86
O32 IHP E . 7.34 16.22 33.69
O42 IHP E . 7.43 16.38 36.13
O13 IHP E . 9.25 12.64 37.00
P3 IHP E . 8.16 11.56 37.63
O23 IHP E . 8.42 11.42 39.10
O33 IHP E . 6.76 12.10 37.41
O43 IHP E . 8.28 10.20 36.97
O14 IHP E . 11.61 11.31 36.13
P4 IHP E . 12.70 12.28 36.90
O24 IHP E . 12.64 13.72 36.43
O34 IHP E . 14.08 11.74 36.63
O44 IHP E . 12.43 12.25 38.39
O15 IHP E . 12.01 13.12 33.73
P5 IHP E . 13.39 13.17 32.83
O25 IHP E . 13.08 12.91 31.38
O35 IHP E . 14.01 14.54 32.98
O45 IHP E . 14.36 12.12 33.33
O16 IHP E . 9.48 10.96 32.37
P6 IHP E . 9.90 10.25 30.94
O26 IHP E . 10.94 11.06 30.21
O36 IHP E . 10.42 8.87 31.24
O46 IHP E . 8.66 10.15 30.07
C1 IHP F . 14.34 13.79 18.09
C2 IHP F . 13.18 14.66 18.66
C3 IHP F . 12.97 16.06 18.03
C4 IHP F . 14.17 16.68 17.27
C5 IHP F . 15.12 15.71 16.54
C6 IHP F . 15.54 14.52 17.44
O11 IHP F . 14.79 12.84 19.01
P1 IHP F . 14.94 11.27 18.53
O21 IHP F . 14.21 10.44 19.56
O31 IHP F . 16.40 10.93 18.50
O41 IHP F . 14.33 11.01 17.18
O12 IHP F . 13.27 14.75 20.06
P2 IHP F . 12.33 13.81 21.04
O22 IHP F . 10.97 14.44 21.17
O32 IHP F . 12.17 12.42 20.46
O42 IHP F . 12.98 13.72 22.40
O13 IHP F . 11.81 16.05 17.22
P3 IHP F . 10.44 16.82 17.76
O23 IHP F . 9.47 16.96 16.61
O33 IHP F . 9.80 16.00 18.85
O43 IHP F . 10.78 18.19 18.29
O14 IHP F . 13.73 17.67 16.37
P4 IHP F . 14.43 19.17 16.40
O24 IHP F . 14.30 19.79 15.03
O34 IHP F . 15.90 19.07 16.77
O44 IHP F . 13.71 20.03 17.42
O15 IHP F . 14.53 15.21 15.35
P5 IHP F . 15.43 14.56 14.13
O25 IHP F . 15.03 13.11 13.92
O35 IHP F . 15.17 15.35 12.87
O45 IHP F . 16.92 14.59 14.41
O16 IHP F . 16.53 14.91 18.38
P6 IHP F . 18.07 14.35 18.23
O26 IHP F . 18.33 13.38 19.36
O36 IHP F . 18.32 13.64 16.91
O46 IHP F . 19.03 15.51 18.34
C1 IHP G . 27.46 -5.90 -11.68
C2 IHP G . 26.03 -6.14 -11.12
C3 IHP G . 25.85 -6.12 -9.59
C4 IHP G . 27.09 -6.67 -8.85
C5 IHP G . 28.42 -5.96 -9.20
C6 IHP G . 28.68 -5.85 -10.73
O11 IHP G . 27.45 -4.76 -12.50
P1 IHP G . 27.49 -4.97 -14.14
O21 IHP G . 26.32 -5.82 -14.57
O31 IHP G . 27.41 -3.61 -14.80
O41 IHP G . 28.78 -5.64 -14.53
O12 IHP G . 25.58 -7.38 -11.61
P2 IHP G . 23.99 -7.63 -12.00
O22 IHP G . 23.14 -6.41 -11.68
O32 IHP G . 23.89 -7.93 -13.47
O42 IHP G . 23.48 -8.79 -11.19
O13 IHP G . 25.52 -4.82 -9.15
P3 IHP G . 23.98 -4.23 -9.21
O23 IHP G . 23.84 -3.12 -8.21
O33 IHP G . 23.69 -3.69 -10.59
O43 IHP G . 22.96 -5.30 -8.88
O14 IHP G . 26.86 -6.79 -7.47
P4 IHP G . 26.56 -8.29 -6.83
O24 IHP G . 26.24 -8.15 -5.36
O34 IHP G . 27.79 -9.16 -7.00
O44 IHP G . 25.38 -8.94 -7.52
O15 IHP G . 28.46 -4.67 -8.63
P5 IHP G . 29.88 -3.91 -8.24
O25 IHP G . 30.52 -3.35 -9.48
O35 IHP G . 29.57 -2.77 -7.29
O45 IHP G . 30.84 -4.87 -7.57
O16 IHP G . 29.64 -6.80 -11.13
P6 IHP G . 31.14 -6.29 -11.60
O26 IHP G . 31.03 -5.15 -12.59
O36 IHP G . 31.92 -5.81 -10.39
O46 IHP G . 31.88 -7.44 -12.23
#